data_9IYA
#
_entry.id   9IYA
#
_cell.length_a   1.00
_cell.length_b   1.00
_cell.length_c   1.00
_cell.angle_alpha   90.00
_cell.angle_beta   90.00
_cell.angle_gamma   90.00
#
_symmetry.space_group_name_H-M   'P 1'
#
loop_
_entity.id
_entity.type
_entity.pdbx_description
1 polymer 'G-protein coupled receptor 55,Soluble cytochrome b562'
2 polymer 'anti-BRIL Fab Heavy chain'
3 polymer 'anti-BRIL Fab Light chain'
4 polymer 'anti-Fab Nanobody'
5 non-polymer 4-(3-bromanyl-5-ethoxy-4-oxidanyl-phenyl)-~{N}-(2-methoxyphenyl)-2-methyl-5-oxidanylidene-4,6,7,8-tetrahydro-1~{H}-quinoline-3-carboxamide
#
loop_
_entity_poly.entity_id
_entity_poly.type
_entity_poly.pdbx_seq_one_letter_code
_entity_poly.pdbx_strand_id
1 'polypeptide(L)'
;SGDCLFDGVNELMKTLQFAVHIPTFVLGLLLNLLAIHVFSTFLKNRWPDYAATSIYMINLAVFDLLLVLSLPFKMVLSQV
QSPFPSLCTLVECLYFVSMYGSVWTICFISMDRFLAIRYPLLVSHLRSPRKAFGICCTIWVLVWTGSIPIYSFHGKVEKY
MCFHNMSDDTWSAKVFFPLEVFGFLLPMGIMGFCCSRSIHILLGRRDHTQDWVQQKACIYTIAASLAVFVVSFLPVHLGF
FLQFLVRNSFIVECRAKQSISFFLQLSMCFSNVNCCLDVFIYYFVIKEFRMNIRAHRPSADLEDNWETLNDNLKVIEKAD
NAAQVKDALTKMRAAALDAQKATPPKLEDKSPDSPEMKDFRHGFDILVGQIDDALKLANEGKVKEAQAAAEQLKTTRNAY
IQKYLERARSTL
;
A
2 'polypeptide(L)'
;WSCIILFLVATATGVHSEISEVQLVESGGGLVQPGGSLRLSCAASGFNVRSFSIHWVRQAPGKGLEWVAYISSSSGSTSY
ADSVKGRFTISADTSKNTAYLQMNSLRAEDTAVYYCARWGYWPGEPWWKAFDYWGQGTLVTVSSASTKGPSVFPLAPSSK
STSGGTAALGCLVKDYFPEPVTVSWNSGALTSGVHTFPAVLQSSGLYSLSSVVTVPSSSLGTQTYICNVNHKPSNTKVDK
KVEPKS
;
H
3 'polypeptide(L)'
;DIQMTQSPSSLSASVGDRVTITCRASQSVSSAVAWYQQKPGKAPKLLIYSASSLYSGVPSRFSGSRSGTDFTLTISSLQP
EDFATYYCQQYLYYSLVTFGQGTKVEIKRTVAAPSVFIFPPSDSQLKSGTASVVCLLNNFYPREAKVQWKVDNALQSGNS
QESVTEQDSKDSTYSLSSTLTLSKADYEKHKVYACEVTHQGLSSPVTKSFNRGEC
;
L
4 'polypeptide(L)'
;GSQVQLQESGGGLVQPGGSLRLSCAASGRTISRYAMSWFRQAPGKEREFVAVARRSGDGAFYADSVQGRFTVSRDDAKNT
VYLQMNSLKPEDTAVYYCAIDSDTFYSGSYDYWGQGTQVTVSS
;
N
#
# COMPACT_ATOMS: atom_id res chain seq x y z
N GLY A 8 28.59 24.03 -57.47
CA GLY A 8 29.08 24.06 -56.10
C GLY A 8 28.60 22.90 -55.26
N VAL A 9 27.28 22.77 -55.13
CA VAL A 9 26.71 21.68 -54.34
C VAL A 9 26.95 20.34 -55.02
N ASN A 10 26.94 20.32 -56.35
CA ASN A 10 27.18 19.06 -57.07
C ASN A 10 28.63 18.62 -56.93
N GLU A 11 29.57 19.56 -57.02
CA GLU A 11 30.98 19.21 -56.86
C GLU A 11 31.26 18.66 -55.47
N LEU A 12 30.72 19.33 -54.44
CA LEU A 12 30.88 18.84 -53.08
C LEU A 12 30.21 17.48 -52.91
N MET A 13 29.02 17.31 -53.50
CA MET A 13 28.35 16.02 -53.48
C MET A 13 29.24 14.91 -54.03
N LYS A 14 29.80 15.12 -55.23
CA LYS A 14 30.63 14.11 -55.84
C LYS A 14 31.86 13.83 -55.00
N THR A 15 32.49 14.88 -54.48
CA THR A 15 33.71 14.69 -53.68
C THR A 15 33.41 13.89 -52.42
N LEU A 16 32.39 14.29 -51.66
CA LEU A 16 32.09 13.59 -50.42
C LEU A 16 31.61 12.17 -50.68
N GLN A 17 30.84 11.95 -51.73
CA GLN A 17 30.42 10.59 -52.06
C GLN A 17 31.61 9.71 -52.39
N PHE A 18 32.48 10.16 -53.31
CA PHE A 18 33.64 9.37 -53.70
C PHE A 18 34.61 9.18 -52.54
N ALA A 19 34.60 10.08 -51.56
CA ALA A 19 35.52 9.97 -50.43
C ALA A 19 34.97 9.06 -49.33
N VAL A 20 33.65 9.09 -49.11
CA VAL A 20 33.10 8.42 -47.95
C VAL A 20 32.49 7.05 -48.27
N HIS A 21 32.11 6.80 -49.52
CA HIS A 21 31.59 5.47 -49.84
C HIS A 21 32.69 4.43 -49.95
N ILE A 22 33.92 4.85 -50.26
CA ILE A 22 35.03 3.90 -50.38
C ILE A 22 35.31 3.18 -49.07
N PRO A 23 35.48 3.85 -47.92
CA PRO A 23 35.83 3.10 -46.71
C PRO A 23 34.68 2.30 -46.14
N THR A 24 33.47 2.85 -46.14
CA THR A 24 32.37 2.23 -45.42
C THR A 24 32.02 0.87 -46.00
N PHE A 25 32.24 0.66 -47.30
CA PHE A 25 31.95 -0.63 -47.89
C PHE A 25 32.81 -1.72 -47.27
N VAL A 26 34.13 -1.49 -47.23
CA VAL A 26 35.03 -2.47 -46.62
C VAL A 26 34.77 -2.58 -45.13
N LEU A 27 34.53 -1.45 -44.45
CA LEU A 27 34.30 -1.48 -43.02
C LEU A 27 33.08 -2.32 -42.68
N GLY A 28 32.00 -2.13 -43.44
CA GLY A 28 30.82 -2.94 -43.22
C GLY A 28 31.05 -4.40 -43.56
N LEU A 29 31.57 -4.67 -44.75
CA LEU A 29 31.76 -6.05 -45.19
C LEU A 29 32.72 -6.80 -44.28
N LEU A 30 33.53 -6.10 -43.49
CA LEU A 30 34.40 -6.74 -42.52
C LEU A 30 33.71 -6.88 -41.16
N LEU A 31 33.28 -5.76 -40.59
CA LEU A 31 32.79 -5.77 -39.20
C LEU A 31 31.42 -6.43 -39.09
N ASN A 32 30.51 -6.14 -40.02
CA ASN A 32 29.20 -6.78 -40.00
C ASN A 32 29.33 -8.28 -40.20
N LEU A 33 30.24 -8.70 -41.09
CA LEU A 33 30.46 -10.12 -41.30
C LEU A 33 31.06 -10.78 -40.05
N LEU A 34 31.98 -10.08 -39.38
CA LEU A 34 32.52 -10.59 -38.13
C LEU A 34 31.42 -10.74 -37.09
N ALA A 35 30.51 -9.76 -37.01
CA ALA A 35 29.39 -9.86 -36.08
C ALA A 35 28.47 -11.02 -36.44
N ILE A 36 28.23 -11.22 -37.74
CA ILE A 36 27.41 -12.34 -38.19
C ILE A 36 28.02 -13.65 -37.71
N HIS A 37 29.32 -13.83 -37.95
CA HIS A 37 30.00 -15.05 -37.54
C HIS A 37 29.97 -15.23 -36.03
N VAL A 38 30.25 -14.15 -35.29
CA VAL A 38 30.34 -14.24 -33.83
C VAL A 38 28.99 -14.62 -33.24
N PHE A 39 27.92 -13.97 -33.69
CA PHE A 39 26.61 -14.28 -33.13
C PHE A 39 26.07 -15.61 -33.66
N SER A 40 26.49 -16.03 -34.85
CA SER A 40 26.14 -17.36 -35.32
C SER A 40 26.76 -18.43 -34.43
N THR A 41 28.02 -18.24 -34.03
CA THR A 41 28.61 -19.14 -33.05
C THR A 41 27.96 -18.99 -31.68
N PHE A 42 27.48 -17.80 -31.37
CA PHE A 42 26.91 -17.55 -30.05
C PHE A 42 25.55 -18.21 -29.89
N LEU A 43 24.80 -18.35 -30.99
CA LEU A 43 23.50 -19.01 -30.95
C LEU A 43 23.60 -20.48 -30.59
N LYS A 44 24.80 -21.07 -30.64
CA LYS A 44 24.97 -22.47 -30.27
C LYS A 44 24.66 -22.71 -28.79
N ASN A 45 24.80 -21.67 -27.97
CA ASN A 45 24.57 -21.82 -26.53
C ASN A 45 23.14 -22.23 -26.22
N ARG A 46 22.17 -21.63 -26.92
CA ARG A 46 20.77 -22.07 -26.94
C ARG A 46 20.04 -21.85 -25.62
N TRP A 47 20.49 -20.93 -24.77
CA TRP A 47 19.67 -20.54 -23.64
C TRP A 47 18.49 -19.68 -24.09
N PRO A 48 17.36 -19.76 -23.40
CA PRO A 48 16.17 -19.01 -23.85
C PRO A 48 16.37 -17.50 -23.91
N ASP A 49 17.09 -16.92 -22.95
CA ASP A 49 17.32 -15.49 -22.92
C ASP A 49 18.66 -15.08 -23.52
N TYR A 50 19.57 -16.03 -23.68
CA TYR A 50 20.90 -15.79 -24.20
C TYR A 50 21.00 -15.96 -25.71
N ALA A 51 19.87 -16.25 -26.36
CA ALA A 51 19.83 -16.49 -27.80
C ALA A 51 19.00 -15.47 -28.56
N ALA A 52 17.87 -15.04 -28.00
CA ALA A 52 16.99 -14.11 -28.72
C ALA A 52 17.71 -12.82 -29.07
N THR A 53 18.55 -12.33 -28.16
CA THR A 53 19.33 -11.14 -28.46
C THR A 53 20.28 -11.40 -29.63
N SER A 54 20.85 -12.61 -29.70
CA SER A 54 21.73 -12.91 -30.82
C SER A 54 20.97 -12.97 -32.14
N ILE A 55 19.72 -13.45 -32.11
CA ILE A 55 18.91 -13.41 -33.33
C ILE A 55 18.58 -11.97 -33.72
N TYR A 56 18.33 -11.12 -32.74
CA TYR A 56 18.15 -9.70 -33.05
C TYR A 56 19.41 -9.12 -33.68
N MET A 57 20.58 -9.47 -33.13
CA MET A 57 21.84 -8.96 -33.67
C MET A 57 22.06 -9.44 -35.09
N ILE A 58 21.76 -10.71 -35.37
CA ILE A 58 21.98 -11.22 -36.72
C ILE A 58 20.99 -10.59 -37.69
N ASN A 59 19.76 -10.31 -37.24
CA ASN A 59 18.82 -9.58 -38.08
C ASN A 59 19.36 -8.19 -38.41
N LEU A 60 19.88 -7.49 -37.41
CA LEU A 60 20.44 -6.16 -37.64
C LEU A 60 21.63 -6.23 -38.58
N ALA A 61 22.48 -7.24 -38.40
CA ALA A 61 23.66 -7.39 -39.25
C ALA A 61 23.26 -7.68 -40.69
N VAL A 62 22.23 -8.50 -40.90
CA VAL A 62 21.76 -8.77 -42.26
C VAL A 62 21.17 -7.50 -42.87
N PHE A 63 20.38 -6.75 -42.09
CA PHE A 63 19.80 -5.53 -42.63
C PHE A 63 20.86 -4.53 -43.03
N ASP A 64 21.92 -4.43 -42.24
CA ASP A 64 23.02 -3.52 -42.57
C ASP A 64 23.88 -4.08 -43.70
N LEU A 65 24.00 -5.40 -43.81
CA LEU A 65 24.71 -6.00 -44.93
C LEU A 65 23.99 -5.77 -46.24
N LEU A 66 22.66 -5.62 -46.19
CA LEU A 66 21.92 -5.22 -47.38
C LEU A 66 22.46 -3.91 -47.92
N LEU A 67 22.59 -2.92 -47.05
CA LEU A 67 23.17 -1.64 -47.45
C LEU A 67 24.63 -1.80 -47.86
N VAL A 68 25.35 -2.70 -47.20
CA VAL A 68 26.76 -2.93 -47.53
C VAL A 68 26.89 -3.40 -48.98
N LEU A 69 26.06 -4.37 -49.38
CA LEU A 69 26.06 -4.81 -50.77
C LEU A 69 25.45 -3.78 -51.70
N SER A 70 24.62 -2.87 -51.19
CA SER A 70 24.05 -1.83 -52.04
C SER A 70 25.09 -0.79 -52.42
N LEU A 71 26.01 -0.51 -51.51
CA LEU A 71 27.01 0.55 -51.74
C LEU A 71 27.78 0.40 -53.06
N PRO A 72 28.31 -0.76 -53.43
CA PRO A 72 28.98 -0.85 -54.75
C PRO A 72 28.05 -0.52 -55.90
N PHE A 73 26.81 -1.00 -55.84
CA PHE A 73 25.85 -0.70 -56.90
C PHE A 73 25.54 0.77 -56.97
N LYS A 74 25.34 1.42 -55.81
CA LYS A 74 25.07 2.84 -55.80
C LYS A 74 26.25 3.65 -56.30
N MET A 75 27.48 3.18 -56.05
CA MET A 75 28.65 3.87 -56.56
C MET A 75 28.76 3.72 -58.07
N VAL A 76 28.60 2.50 -58.58
CA VAL A 76 28.78 2.27 -60.01
C VAL A 76 27.66 2.94 -60.81
N LEU A 77 26.44 2.99 -60.27
CA LEU A 77 25.33 3.61 -60.97
C LEU A 77 25.34 5.12 -60.86
N SER A 78 26.13 5.70 -59.96
CA SER A 78 26.21 7.15 -59.81
C SER A 78 27.47 7.74 -60.40
N GLN A 79 28.52 6.95 -60.61
CA GLN A 79 29.72 7.48 -61.24
C GLN A 79 29.54 7.73 -62.73
N VAL A 80 28.42 7.29 -63.32
CA VAL A 80 28.12 7.52 -64.72
C VAL A 80 26.84 8.34 -64.80
N GLN A 81 26.67 9.03 -65.93
CA GLN A 81 25.53 9.93 -66.11
C GLN A 81 24.24 9.15 -66.35
N SER A 82 23.79 8.41 -65.35
CA SER A 82 22.55 7.66 -65.40
C SER A 82 22.41 6.80 -66.66
N PRO A 83 23.29 5.81 -66.85
CA PRO A 83 23.15 4.93 -68.02
C PRO A 83 22.08 3.88 -67.82
N PHE A 84 21.95 3.38 -66.59
CA PHE A 84 20.97 2.35 -66.25
C PHE A 84 20.01 2.90 -65.21
N PRO A 85 18.77 3.24 -65.57
CA PRO A 85 17.85 3.83 -64.60
C PRO A 85 16.99 2.82 -63.84
N SER A 86 16.93 1.56 -64.27
CA SER A 86 16.05 0.60 -63.62
C SER A 86 16.60 0.18 -62.27
N LEU A 87 17.91 -0.04 -62.16
CA LEU A 87 18.49 -0.58 -60.94
C LEU A 87 18.72 0.47 -59.86
N CYS A 88 18.67 1.75 -60.21
CA CYS A 88 18.80 2.78 -59.17
C CYS A 88 17.61 2.74 -58.22
N THR A 89 16.42 2.43 -58.73
CA THR A 89 15.27 2.23 -57.85
C THR A 89 15.51 1.06 -56.91
N LEU A 90 16.12 -0.01 -57.40
CA LEU A 90 16.45 -1.14 -56.54
C LEU A 90 17.46 -0.73 -55.47
N VAL A 91 18.43 0.10 -55.84
CA VAL A 91 19.42 0.58 -54.87
C VAL A 91 18.73 1.36 -53.76
N GLU A 92 17.83 2.26 -54.14
CA GLU A 92 17.13 3.06 -53.13
C GLU A 92 16.22 2.18 -52.28
N CYS A 93 15.59 1.17 -52.89
CA CYS A 93 14.76 0.25 -52.11
C CYS A 93 15.60 -0.50 -51.08
N LEU A 94 16.80 -0.93 -51.48
CA LEU A 94 17.71 -1.59 -50.54
C LEU A 94 18.07 -0.65 -49.41
N TYR A 95 18.37 0.61 -49.72
CA TYR A 95 18.73 1.56 -48.68
C TYR A 95 17.57 1.75 -47.70
N PHE A 96 16.35 1.87 -48.22
CA PHE A 96 15.20 2.14 -47.35
C PHE A 96 14.86 0.93 -46.49
N VAL A 97 14.87 -0.27 -47.06
CA VAL A 97 14.62 -1.46 -46.26
C VAL A 97 15.69 -1.59 -45.20
N SER A 98 16.94 -1.28 -45.54
CA SER A 98 18.01 -1.33 -44.54
C SER A 98 17.72 -0.39 -43.38
N MET A 99 17.43 0.88 -43.68
CA MET A 99 17.22 1.84 -42.60
C MET A 99 16.06 1.45 -41.71
N TYR A 100 14.91 1.11 -42.32
CA TYR A 100 13.72 0.89 -41.51
C TYR A 100 13.79 -0.43 -40.75
N GLY A 101 14.36 -1.46 -41.37
CA GLY A 101 14.57 -2.70 -40.64
C GLY A 101 15.51 -2.52 -39.48
N SER A 102 16.59 -1.75 -39.67
CA SER A 102 17.49 -1.46 -38.56
C SER A 102 16.76 -0.70 -37.46
N VAL A 103 15.95 0.29 -37.83
CA VAL A 103 15.22 1.08 -36.85
C VAL A 103 14.35 0.17 -35.99
N TRP A 104 13.55 -0.67 -36.63
CA TRP A 104 12.62 -1.49 -35.87
C TRP A 104 13.33 -2.59 -35.11
N THR A 105 14.44 -3.12 -35.65
CA THR A 105 15.19 -4.13 -34.92
C THR A 105 15.78 -3.57 -33.64
N ILE A 106 16.45 -2.41 -33.72
CA ILE A 106 17.03 -1.83 -32.52
C ILE A 106 15.93 -1.41 -31.55
N CYS A 107 14.79 -0.95 -32.07
CA CYS A 107 13.69 -0.58 -31.19
C CYS A 107 13.12 -1.79 -30.46
N PHE A 108 13.01 -2.94 -31.15
CA PHE A 108 12.57 -4.15 -30.48
C PHE A 108 13.59 -4.65 -29.47
N ILE A 109 14.87 -4.46 -29.76
CA ILE A 109 15.91 -4.77 -28.77
C ILE A 109 15.71 -3.94 -27.51
N SER A 110 15.41 -2.65 -27.69
CA SER A 110 15.15 -1.79 -26.53
C SER A 110 13.90 -2.23 -25.78
N MET A 111 12.86 -2.63 -26.51
CA MET A 111 11.68 -3.18 -25.84
C MET A 111 12.05 -4.39 -24.99
N ASP A 112 12.82 -5.31 -25.56
CA ASP A 112 13.19 -6.52 -24.83
C ASP A 112 13.98 -6.18 -23.58
N ARG A 113 14.94 -5.27 -23.69
CA ARG A 113 15.73 -4.89 -22.53
C ARG A 113 14.88 -4.22 -21.47
N PHE A 114 13.97 -3.32 -21.86
CA PHE A 114 13.13 -2.64 -20.89
C PHE A 114 12.19 -3.60 -20.19
N LEU A 115 11.58 -4.53 -20.95
CA LEU A 115 10.67 -5.49 -20.33
C LEU A 115 11.40 -6.51 -19.48
N ALA A 116 12.67 -6.79 -19.78
CA ALA A 116 13.46 -7.65 -18.90
C ALA A 116 13.89 -6.93 -17.63
N ILE A 117 14.10 -5.62 -17.71
CA ILE A 117 14.57 -4.88 -16.54
C ILE A 117 13.40 -4.54 -15.61
N ARG A 118 12.36 -3.91 -16.14
CA ARG A 118 11.25 -3.48 -15.29
C ARG A 118 10.42 -4.68 -14.80
N TYR A 119 10.16 -5.65 -15.68
CA TYR A 119 9.37 -6.83 -15.32
C TYR A 119 10.29 -8.05 -15.33
N PRO A 120 10.96 -8.36 -14.23
CA PRO A 120 11.88 -9.50 -14.22
C PRO A 120 11.20 -10.84 -14.44
N LEU A 121 9.89 -10.94 -14.22
CA LEU A 121 9.18 -12.20 -14.32
C LEU A 121 8.69 -12.48 -15.75
N LEU A 122 8.21 -11.46 -16.45
CA LEU A 122 7.64 -11.67 -17.78
C LEU A 122 8.68 -12.11 -18.80
N VAL A 123 9.97 -11.80 -18.56
CA VAL A 123 11.01 -12.12 -19.52
C VAL A 123 11.15 -13.63 -19.69
N SER A 124 10.77 -14.41 -18.67
CA SER A 124 10.84 -15.86 -18.79
C SER A 124 9.92 -16.38 -19.87
N HIS A 125 8.71 -15.83 -19.97
CA HIS A 125 7.75 -16.25 -20.98
C HIS A 125 7.79 -15.41 -22.24
N LEU A 126 8.47 -14.26 -22.22
CA LEU A 126 8.51 -13.38 -23.38
C LEU A 126 9.74 -13.62 -24.25
N ARG A 127 10.94 -13.49 -23.66
CA ARG A 127 12.18 -13.62 -24.41
C ARG A 127 12.41 -15.09 -24.73
N SER A 128 12.10 -15.48 -25.96
CA SER A 128 12.28 -16.86 -26.42
C SER A 128 12.88 -16.83 -27.82
N PRO A 129 13.74 -17.80 -28.15
CA PRO A 129 14.32 -17.82 -29.51
C PRO A 129 13.27 -17.92 -30.61
N ARG A 130 12.21 -18.69 -30.38
CA ARG A 130 11.14 -18.77 -31.36
C ARG A 130 10.46 -17.43 -31.54
N LYS A 131 10.20 -16.72 -30.43
CA LYS A 131 9.59 -15.41 -30.52
C LYS A 131 10.47 -14.45 -31.30
N ALA A 132 11.78 -14.52 -31.06
CA ALA A 132 12.71 -13.63 -31.75
C ALA A 132 12.72 -13.92 -33.25
N PHE A 133 12.81 -15.21 -33.62
CA PHE A 133 12.79 -15.53 -35.05
C PHE A 133 11.50 -15.05 -35.69
N GLY A 134 10.37 -15.26 -34.99
CA GLY A 134 9.11 -14.78 -35.52
C GLY A 134 9.08 -13.28 -35.73
N ILE A 135 9.56 -12.51 -34.75
CA ILE A 135 9.43 -11.07 -34.84
C ILE A 135 10.38 -10.50 -35.88
N CYS A 136 11.59 -11.04 -36.01
CA CYS A 136 12.46 -10.57 -37.09
C CYS A 136 11.91 -10.93 -38.47
N CYS A 137 11.36 -12.15 -38.63
CA CYS A 137 10.73 -12.47 -39.90
C CYS A 137 9.56 -11.53 -40.18
N THR A 138 8.77 -11.23 -39.15
CA THR A 138 7.61 -10.36 -39.30
C THR A 138 8.04 -8.95 -39.71
N ILE A 139 9.08 -8.42 -39.06
CA ILE A 139 9.53 -7.07 -39.40
C ILE A 139 10.15 -7.05 -40.79
N TRP A 140 10.84 -8.12 -41.20
CA TRP A 140 11.29 -8.22 -42.58
C TRP A 140 10.11 -8.11 -43.54
N VAL A 141 9.05 -8.87 -43.26
CA VAL A 141 7.90 -8.90 -44.15
C VAL A 141 7.26 -7.52 -44.25
N LEU A 142 6.97 -6.89 -43.10
CA LEU A 142 6.31 -5.58 -43.15
C LEU A 142 7.21 -4.52 -43.76
N VAL A 143 8.51 -4.53 -43.47
CA VAL A 143 9.36 -3.48 -44.01
C VAL A 143 9.46 -3.62 -45.53
N TRP A 144 9.59 -4.85 -46.04
CA TRP A 144 9.59 -5.02 -47.48
C TRP A 144 8.24 -4.69 -48.10
N THR A 145 7.15 -5.00 -47.41
CA THR A 145 5.82 -4.66 -47.92
C THR A 145 5.64 -3.16 -48.00
N GLY A 146 6.15 -2.42 -47.01
CA GLY A 146 6.09 -0.97 -47.05
C GLY A 146 7.07 -0.35 -48.01
N SER A 147 8.14 -1.06 -48.36
CA SER A 147 9.01 -0.61 -49.44
C SER A 147 8.45 -0.92 -50.81
N ILE A 148 7.50 -1.85 -50.89
CA ILE A 148 6.87 -2.16 -52.18
C ILE A 148 6.25 -0.93 -52.84
N PRO A 149 5.44 -0.11 -52.15
CA PRO A 149 4.84 1.05 -52.83
C PRO A 149 5.80 2.23 -52.93
N ILE A 150 6.89 2.04 -53.67
CA ILE A 150 7.80 3.13 -54.01
C ILE A 150 7.50 3.68 -55.40
N TYR A 151 6.67 3.00 -56.19
CA TYR A 151 6.29 3.46 -57.52
C TYR A 151 5.08 4.40 -57.45
N SER A 152 5.22 5.47 -56.67
CA SER A 152 4.17 6.45 -56.51
C SER A 152 4.23 7.57 -57.54
N PHE A 153 5.26 7.60 -58.37
CA PHE A 153 5.38 8.61 -59.41
C PHE A 153 4.50 8.21 -60.59
N HIS A 154 4.69 8.89 -61.73
CA HIS A 154 3.98 8.52 -62.94
C HIS A 154 4.36 7.10 -63.35
N GLY A 155 3.38 6.38 -63.91
CA GLY A 155 3.58 4.96 -64.17
C GLY A 155 4.72 4.68 -65.14
N LYS A 156 4.82 5.47 -66.20
CA LYS A 156 5.88 5.29 -67.17
C LYS A 156 7.14 6.03 -66.72
N VAL A 157 8.19 5.96 -67.53
CA VAL A 157 9.42 6.72 -67.35
C VAL A 157 10.11 6.36 -66.04
N GLU A 158 9.42 6.57 -64.92
CA GLU A 158 9.89 6.41 -63.54
C GLU A 158 11.04 7.36 -63.23
N LYS A 159 11.34 7.55 -61.95
CA LYS A 159 12.31 8.56 -61.55
C LYS A 159 13.69 8.26 -62.13
N TYR A 160 14.41 9.31 -62.48
CA TYR A 160 15.66 9.20 -63.22
C TYR A 160 16.83 9.85 -62.48
N MET A 161 16.89 9.65 -61.16
CA MET A 161 18.03 10.12 -60.40
C MET A 161 18.15 9.25 -59.15
N CYS A 162 19.39 9.03 -58.72
CA CYS A 162 19.66 8.10 -57.62
C CYS A 162 19.46 8.73 -56.24
N PHE A 163 19.40 10.05 -56.13
CA PHE A 163 18.98 10.65 -54.88
C PHE A 163 17.47 10.67 -54.73
N HIS A 164 16.75 10.48 -55.82
CA HIS A 164 15.33 10.09 -55.83
C HIS A 164 14.49 11.02 -54.97
N ASN A 165 14.40 12.27 -55.43
CA ASN A 165 13.50 13.23 -54.79
C ASN A 165 12.05 12.80 -54.91
N MET A 166 11.62 12.48 -56.13
CA MET A 166 10.24 12.11 -56.45
C MET A 166 9.27 13.23 -56.09
N SER A 167 8.01 13.11 -56.50
CA SER A 167 7.12 14.26 -56.50
C SER A 167 5.69 13.78 -56.22
N ASP A 168 4.72 14.63 -56.55
CA ASP A 168 3.29 14.42 -56.35
C ASP A 168 2.96 13.82 -54.98
N ASP A 169 2.29 12.67 -54.97
CA ASP A 169 1.76 12.12 -53.74
C ASP A 169 2.83 11.58 -52.81
N THR A 170 4.09 11.50 -53.25
CA THR A 170 5.15 11.03 -52.37
C THR A 170 5.33 11.95 -51.17
N TRP A 171 5.30 13.26 -51.41
CA TRP A 171 5.45 14.23 -50.33
C TRP A 171 4.11 14.76 -49.83
N SER A 172 3.02 14.08 -50.17
CA SER A 172 1.71 14.40 -49.62
C SER A 172 1.49 13.62 -48.33
N ALA A 173 0.51 14.08 -47.55
CA ALA A 173 0.25 13.46 -46.25
C ALA A 173 -0.19 12.02 -46.38
N LYS A 174 -0.63 11.59 -47.57
CA LYS A 174 -1.04 10.21 -47.76
C LYS A 174 0.12 9.23 -47.67
N VAL A 175 1.35 9.69 -47.89
CA VAL A 175 2.53 8.83 -47.90
C VAL A 175 3.55 9.24 -46.85
N PHE A 176 3.82 10.55 -46.73
CA PHE A 176 4.87 11.01 -45.83
C PHE A 176 4.55 10.65 -44.38
N PHE A 177 3.32 10.92 -43.93
CA PHE A 177 2.99 10.63 -42.53
C PHE A 177 2.90 9.14 -42.25
N PRO A 178 2.15 8.34 -43.01
CA PRO A 178 2.05 6.92 -42.66
C PRO A 178 3.37 6.19 -42.67
N LEU A 179 4.36 6.70 -43.41
CA LEU A 179 5.69 6.13 -43.37
C LEU A 179 6.52 6.70 -42.22
N GLU A 180 6.56 8.04 -42.08
CA GLU A 180 7.46 8.64 -41.12
C GLU A 180 7.01 8.35 -39.69
N VAL A 181 5.73 8.55 -39.39
CA VAL A 181 5.24 8.31 -38.03
C VAL A 181 5.40 6.84 -37.66
N PHE A 182 5.07 5.94 -38.57
CA PHE A 182 5.12 4.51 -38.28
C PHE A 182 6.51 3.91 -38.42
N GLY A 183 7.49 4.67 -38.93
CA GLY A 183 8.81 4.11 -39.10
C GLY A 183 9.89 4.74 -38.25
N PHE A 184 9.78 6.03 -37.95
CA PHE A 184 10.77 6.72 -37.14
C PHE A 184 10.19 7.27 -35.85
N LEU A 185 9.12 8.07 -35.93
CA LEU A 185 8.64 8.80 -34.76
C LEU A 185 8.18 7.85 -33.66
N LEU A 186 7.32 6.90 -34.01
CA LEU A 186 6.89 5.91 -33.01
C LEU A 186 8.06 5.07 -32.49
N PRO A 187 8.91 4.48 -33.35
CA PRO A 187 10.09 3.80 -32.79
C PRO A 187 10.98 4.71 -31.97
N MET A 188 11.19 5.95 -32.41
CA MET A 188 12.05 6.85 -31.65
C MET A 188 11.44 7.14 -30.29
N GLY A 189 10.15 7.45 -30.25
CA GLY A 189 9.52 7.77 -28.97
C GLY A 189 9.51 6.61 -28.01
N ILE A 190 9.12 5.42 -28.49
CA ILE A 190 9.02 4.30 -27.57
C ILE A 190 10.40 3.79 -27.18
N MET A 191 11.39 3.87 -28.09
CA MET A 191 12.76 3.58 -27.70
C MET A 191 13.29 4.56 -26.67
N GLY A 192 12.98 5.85 -26.84
CA GLY A 192 13.41 6.82 -25.85
C GLY A 192 12.82 6.54 -24.48
N PHE A 193 11.52 6.23 -24.44
CA PHE A 193 10.88 5.89 -23.18
C PHE A 193 11.52 4.65 -22.56
N CYS A 194 11.69 3.60 -23.36
CA CYS A 194 12.24 2.34 -22.84
C CYS A 194 13.66 2.53 -22.33
N CYS A 195 14.49 3.23 -23.10
CA CYS A 195 15.88 3.41 -22.71
C CYS A 195 16.01 4.32 -21.50
N SER A 196 15.22 5.40 -21.44
CA SER A 196 15.27 6.27 -20.28
C SER A 196 14.82 5.54 -19.02
N ARG A 197 13.74 4.76 -19.12
CA ARG A 197 13.29 4.01 -17.96
C ARG A 197 14.31 2.97 -17.54
N SER A 198 14.93 2.28 -18.51
CA SER A 198 15.93 1.28 -18.19
C SER A 198 17.13 1.89 -17.49
N ILE A 199 17.61 3.02 -18.02
CA ILE A 199 18.76 3.68 -17.41
C ILE A 199 18.42 4.18 -16.01
N HIS A 200 17.23 4.76 -15.85
CA HIS A 200 16.82 5.24 -14.53
C HIS A 200 16.74 4.10 -13.52
N ILE A 201 16.15 2.98 -13.92
CA ILE A 201 16.03 1.84 -13.01
C ILE A 201 17.41 1.30 -12.65
N LEU A 202 18.28 1.16 -13.65
CA LEU A 202 19.61 0.61 -13.40
C LEU A 202 20.43 1.54 -12.52
N LEU A 203 20.31 2.85 -12.72
CA LEU A 203 21.01 3.79 -11.85
C LEU A 203 20.42 3.79 -10.45
N GLY A 204 19.12 3.50 -10.32
CA GLY A 204 18.55 3.31 -9.00
C GLY A 204 19.10 2.10 -8.30
N ARG A 205 19.34 1.02 -9.05
CA ARG A 205 19.92 -0.18 -8.46
C ARG A 205 21.42 -0.05 -8.18
N ARG A 206 22.08 0.97 -8.74
CA ARG A 206 23.51 1.12 -8.54
C ARG A 206 23.85 1.67 -7.18
N LYS A 216 26.79 -1.42 -15.05
CA LYS A 216 27.56 -0.52 -15.89
C LYS A 216 27.54 -0.99 -17.33
N ALA A 217 27.72 -2.29 -17.53
CA ALA A 217 27.67 -2.85 -18.88
C ALA A 217 26.28 -2.71 -19.48
N CYS A 218 25.24 -2.95 -18.68
CA CYS A 218 23.88 -2.77 -19.17
C CYS A 218 23.59 -1.31 -19.48
N ILE A 219 23.99 -0.40 -18.59
CA ILE A 219 23.85 1.02 -18.86
C ILE A 219 24.59 1.38 -20.13
N TYR A 220 25.79 0.82 -20.32
CA TYR A 220 26.57 1.09 -21.51
C TYR A 220 25.86 0.63 -22.77
N THR A 221 25.26 -0.57 -22.74
CA THR A 221 24.65 -1.09 -23.96
C THR A 221 23.35 -0.35 -24.28
N ILE A 222 22.56 0.02 -23.27
CA ILE A 222 21.37 0.83 -23.55
C ILE A 222 21.77 2.19 -24.09
N ALA A 223 22.79 2.82 -23.49
CA ALA A 223 23.24 4.11 -23.99
C ALA A 223 23.77 4.01 -25.41
N ALA A 224 24.51 2.94 -25.72
CA ALA A 224 25.04 2.76 -27.05
C ALA A 224 23.92 2.55 -28.06
N SER A 225 22.91 1.74 -27.71
CA SER A 225 21.80 1.52 -28.61
C SER A 225 21.07 2.83 -28.90
N LEU A 226 20.78 3.60 -27.85
CA LEU A 226 20.08 4.87 -28.04
C LEU A 226 20.91 5.84 -28.87
N ALA A 227 22.22 5.93 -28.59
CA ALA A 227 23.07 6.85 -29.34
C ALA A 227 23.18 6.45 -30.80
N VAL A 228 23.33 5.15 -31.07
CA VAL A 228 23.41 4.68 -32.46
C VAL A 228 22.12 4.98 -33.18
N PHE A 229 20.98 4.69 -32.53
CA PHE A 229 19.68 4.98 -33.13
C PHE A 229 19.56 6.46 -33.48
N VAL A 230 19.86 7.34 -32.53
CA VAL A 230 19.72 8.76 -32.78
C VAL A 230 20.64 9.21 -33.90
N VAL A 231 21.94 8.89 -33.79
CA VAL A 231 22.92 9.39 -34.74
C VAL A 231 22.62 8.88 -36.15
N SER A 232 22.15 7.63 -36.26
CA SER A 232 21.96 7.04 -37.58
C SER A 232 20.58 7.29 -38.17
N PHE A 233 19.60 7.74 -37.39
CA PHE A 233 18.26 7.86 -37.96
C PHE A 233 17.64 9.24 -37.78
N LEU A 234 17.94 9.92 -36.67
CA LEU A 234 17.39 11.26 -36.48
C LEU A 234 17.78 12.25 -37.59
N PRO A 235 19.03 12.30 -38.08
CA PRO A 235 19.34 13.28 -39.14
C PRO A 235 18.55 13.06 -40.41
N VAL A 236 18.46 11.82 -40.90
CA VAL A 236 17.81 11.58 -42.18
C VAL A 236 16.31 11.83 -42.08
N HIS A 237 15.69 11.43 -40.97
CA HIS A 237 14.26 11.66 -40.82
C HIS A 237 13.95 13.12 -40.54
N LEU A 238 14.84 13.82 -39.84
CA LEU A 238 14.69 15.26 -39.68
C LEU A 238 14.77 15.95 -41.04
N GLY A 239 15.69 15.52 -41.90
CA GLY A 239 15.75 16.06 -43.24
C GLY A 239 14.51 15.76 -44.05
N PHE A 240 13.97 14.54 -43.89
CA PHE A 240 12.73 14.19 -44.57
C PHE A 240 11.60 15.13 -44.14
N PHE A 241 11.40 15.28 -42.83
CA PHE A 241 10.33 16.16 -42.35
C PHE A 241 10.58 17.59 -42.75
N LEU A 242 11.83 18.02 -42.76
CA LEU A 242 12.15 19.39 -43.16
C LEU A 242 11.82 19.61 -44.63
N GLN A 243 12.12 18.64 -45.49
CA GLN A 243 11.74 18.77 -46.90
C GLN A 243 10.24 18.78 -47.07
N PHE A 244 9.52 17.96 -46.30
CA PHE A 244 8.07 18.00 -46.36
C PHE A 244 7.54 19.37 -45.96
N LEU A 245 8.11 19.96 -44.91
CA LEU A 245 7.65 21.27 -44.47
C LEU A 245 8.09 22.39 -45.41
N VAL A 246 9.14 22.17 -46.20
CA VAL A 246 9.69 23.23 -47.04
C VAL A 246 9.12 23.20 -48.45
N ARG A 247 9.26 22.08 -49.15
CA ARG A 247 8.83 22.03 -50.54
C ARG A 247 7.31 21.99 -50.69
N ASN A 248 6.57 21.81 -49.60
CA ASN A 248 5.11 21.77 -49.65
C ASN A 248 4.46 23.05 -49.10
N SER A 249 4.86 23.50 -47.92
CA SER A 249 4.14 24.57 -47.24
C SER A 249 5.10 25.62 -46.69
N PHE A 250 6.04 26.06 -47.51
CA PHE A 250 6.92 27.16 -47.13
C PHE A 250 7.57 27.71 -48.39
N ILE A 251 7.71 29.04 -48.46
CA ILE A 251 8.24 29.68 -49.64
C ILE A 251 9.62 29.12 -49.97
N VAL A 252 9.98 29.13 -51.26
CA VAL A 252 11.24 28.52 -51.69
C VAL A 252 12.42 29.18 -51.00
N GLU A 253 12.48 30.51 -51.04
CA GLU A 253 13.47 31.34 -50.36
C GLU A 253 14.87 31.15 -50.94
N CYS A 254 15.05 30.20 -51.85
CA CYS A 254 16.32 29.93 -52.53
C CYS A 254 17.40 29.49 -51.56
N ARG A 255 17.80 30.36 -50.63
CA ARG A 255 18.88 30.02 -49.71
C ARG A 255 18.49 28.86 -48.80
N ALA A 256 17.29 28.92 -48.22
CA ALA A 256 16.84 27.85 -47.35
C ALA A 256 16.67 26.55 -48.12
N LYS A 257 16.14 26.64 -49.34
CA LYS A 257 15.98 25.43 -50.15
C LYS A 257 17.32 24.80 -50.47
N GLN A 258 18.31 25.62 -50.84
CA GLN A 258 19.64 25.07 -51.12
C GLN A 258 20.25 24.44 -49.88
N SER A 259 20.14 25.11 -48.73
CA SER A 259 20.70 24.57 -47.50
C SER A 259 20.03 23.27 -47.11
N ILE A 260 18.70 23.20 -47.24
CA ILE A 260 17.98 22.00 -46.83
C ILE A 260 18.27 20.85 -47.79
N SER A 261 18.40 21.13 -49.08
CA SER A 261 18.78 20.08 -50.02
C SER A 261 20.17 19.56 -49.69
N PHE A 262 21.10 20.47 -49.38
CA PHE A 262 22.44 20.07 -49.00
C PHE A 262 22.40 19.18 -47.76
N PHE A 263 21.61 19.57 -46.76
CA PHE A 263 21.52 18.80 -45.52
C PHE A 263 20.95 17.42 -45.77
N LEU A 264 19.89 17.34 -46.57
CA LEU A 264 19.24 16.05 -46.78
C LEU A 264 20.12 15.14 -47.62
N GLN A 265 20.81 15.68 -48.62
CA GLN A 265 21.74 14.86 -49.39
C GLN A 265 22.89 14.36 -48.52
N LEU A 266 23.41 15.22 -47.63
CA LEU A 266 24.47 14.78 -46.73
C LEU A 266 23.98 13.69 -45.79
N SER A 267 22.79 13.85 -45.23
CA SER A 267 22.23 12.81 -44.38
C SER A 267 22.05 11.51 -45.16
N MET A 268 21.70 11.61 -46.44
CA MET A 268 21.65 10.44 -47.30
C MET A 268 23.03 9.78 -47.39
N CYS A 269 24.07 10.58 -47.60
CA CYS A 269 25.41 10.03 -47.74
C CYS A 269 26.07 9.75 -46.41
N PHE A 270 25.46 10.14 -45.29
CA PHE A 270 26.00 9.86 -43.97
C PHE A 270 25.21 8.82 -43.19
N SER A 271 23.98 8.53 -43.61
CA SER A 271 23.23 7.45 -42.96
C SER A 271 23.67 6.08 -43.44
N ASN A 272 24.48 6.00 -44.50
CA ASN A 272 25.06 4.73 -44.90
C ASN A 272 26.17 4.29 -43.96
N VAL A 273 26.55 5.14 -43.01
CA VAL A 273 27.59 4.79 -42.05
C VAL A 273 26.94 4.02 -40.90
N ASN A 274 25.65 3.70 -41.06
CA ASN A 274 24.97 2.90 -40.04
C ASN A 274 25.54 1.50 -39.94
N CYS A 275 25.93 0.90 -41.07
CA CYS A 275 26.49 -0.45 -41.05
C CYS A 275 27.79 -0.52 -40.26
N CYS A 276 28.48 0.61 -40.10
CA CYS A 276 29.64 0.69 -39.23
C CYS A 276 29.30 1.14 -37.82
N LEU A 277 28.32 2.04 -37.68
CA LEU A 277 27.91 2.52 -36.37
C LEU A 277 27.29 1.41 -35.53
N ASP A 278 26.76 0.37 -36.15
CA ASP A 278 26.21 -0.75 -35.39
C ASP A 278 27.27 -1.51 -34.60
N VAL A 279 28.55 -1.30 -34.88
CA VAL A 279 29.59 -1.97 -34.10
C VAL A 279 29.58 -1.46 -32.67
N PHE A 280 29.12 -0.24 -32.45
CA PHE A 280 29.14 0.32 -31.09
C PHE A 280 28.10 -0.32 -30.20
N ILE A 281 27.08 -0.96 -30.76
CA ILE A 281 26.12 -1.71 -29.96
C ILE A 281 26.53 -3.18 -29.96
N TYR A 282 27.10 -3.64 -31.07
CA TYR A 282 27.55 -5.03 -31.15
C TYR A 282 28.62 -5.31 -30.10
N TYR A 283 29.62 -4.43 -30.00
CA TYR A 283 30.72 -4.65 -29.07
C TYR A 283 30.23 -4.65 -27.63
N PHE A 284 29.34 -3.73 -27.29
CA PHE A 284 28.89 -3.64 -25.90
C PHE A 284 27.97 -4.80 -25.55
N VAL A 285 27.13 -5.24 -26.49
CA VAL A 285 26.32 -6.43 -26.24
C VAL A 285 27.20 -7.64 -26.06
N ILE A 286 28.26 -7.75 -26.87
CA ILE A 286 29.17 -8.89 -26.75
C ILE A 286 29.91 -8.84 -25.41
N LYS A 287 30.34 -7.65 -24.99
CA LYS A 287 31.03 -7.54 -23.70
C LYS A 287 30.10 -7.92 -22.57
N GLU A 288 28.85 -7.46 -22.61
CA GLU A 288 27.88 -7.83 -21.59
C GLU A 288 27.64 -9.33 -21.58
N PHE A 289 27.57 -9.94 -22.77
CA PHE A 289 27.32 -11.37 -22.85
C PHE A 289 28.51 -12.18 -22.33
N ARG A 290 29.72 -11.73 -22.65
CA ARG A 290 30.92 -12.40 -22.14
C ARG A 290 31.01 -12.29 -20.64
N MET A 291 30.67 -11.12 -20.09
CA MET A 291 30.76 -10.93 -18.65
C MET A 291 29.81 -11.84 -17.90
N ASN A 292 28.58 -11.97 -18.38
CA ASN A 292 27.62 -12.89 -17.77
C ASN A 292 27.77 -14.28 -18.39
N ALA A 300 21.62 3.78 -6.75
CA ALA A 300 22.32 4.20 -5.53
C ALA A 300 21.92 3.31 -4.36
N ASP A 301 21.01 2.37 -4.61
CA ASP A 301 20.53 1.50 -3.54
C ASP A 301 21.65 0.57 -3.06
N LEU A 302 22.31 -0.11 -3.99
CA LEU A 302 23.39 -1.00 -3.59
C LEU A 302 24.59 -0.21 -3.09
N GLU A 303 24.88 0.93 -3.73
CA GLU A 303 26.00 1.76 -3.32
C GLU A 303 25.78 2.29 -1.91
N ASP A 304 24.58 2.80 -1.61
CA ASP A 304 24.38 3.34 -0.27
C ASP A 304 24.21 2.24 0.77
N ASN A 305 23.76 1.04 0.36
CA ASN A 305 23.78 -0.09 1.28
C ASN A 305 25.20 -0.43 1.69
N TRP A 306 26.12 -0.49 0.72
CA TRP A 306 27.53 -0.70 1.04
C TRP A 306 28.06 0.45 1.90
N GLU A 307 27.64 1.67 1.59
CA GLU A 307 28.11 2.84 2.33
C GLU A 307 27.72 2.75 3.79
N THR A 308 26.45 2.38 4.07
CA THR A 308 26.04 2.30 5.47
C THR A 308 26.64 1.07 6.15
N LEU A 309 26.84 -0.02 5.43
CA LEU A 309 27.57 -1.14 6.00
C LEU A 309 28.92 -0.68 6.53
N ASN A 310 29.70 0.01 5.69
CA ASN A 310 31.00 0.49 6.12
C ASN A 310 30.88 1.55 7.22
N ASP A 311 29.88 2.43 7.12
CA ASP A 311 29.77 3.52 8.07
C ASP A 311 29.50 3.01 9.49
N ASN A 312 28.49 2.14 9.62
CA ASN A 312 28.24 1.58 10.95
C ASN A 312 29.33 0.61 11.38
N LEU A 313 29.99 -0.08 10.44
CA LEU A 313 31.13 -0.90 10.84
C LEU A 313 32.22 -0.04 11.47
N LYS A 314 32.46 1.15 10.93
CA LYS A 314 33.49 2.02 11.48
C LYS A 314 33.01 2.74 12.74
N VAL A 315 31.71 3.00 12.89
CA VAL A 315 31.26 3.69 14.09
C VAL A 315 31.12 2.73 15.27
N ILE A 316 30.99 1.43 15.01
CA ILE A 316 30.98 0.46 16.12
C ILE A 316 32.29 0.54 16.88
N GLU A 317 33.41 0.71 16.17
CA GLU A 317 34.70 0.75 16.82
C GLU A 317 34.81 1.93 17.79
N LYS A 318 34.31 3.10 17.39
CA LYS A 318 34.35 4.27 18.25
C LYS A 318 33.00 4.44 18.96
N ALA A 319 32.72 3.47 19.83
CA ALA A 319 31.50 3.47 20.61
C ALA A 319 31.78 2.92 22.00
N ASP A 320 31.01 3.42 22.98
CA ASP A 320 31.14 2.95 24.34
C ASP A 320 29.80 2.49 24.91
N ASN A 321 28.72 3.17 24.54
CA ASN A 321 27.40 2.73 24.94
C ASN A 321 26.97 1.51 24.14
N ALA A 322 26.25 0.61 24.80
CA ALA A 322 25.69 -0.55 24.11
C ALA A 322 24.56 -0.13 23.18
N ALA A 323 23.85 0.95 23.50
CA ALA A 323 22.78 1.41 22.63
C ALA A 323 23.32 1.85 21.27
N GLN A 324 24.47 2.50 21.26
CA GLN A 324 25.04 2.97 20.01
C GLN A 324 25.39 1.80 19.09
N VAL A 325 26.06 0.79 19.64
CA VAL A 325 26.43 -0.37 18.83
C VAL A 325 25.18 -1.14 18.42
N LYS A 326 24.16 -1.19 19.28
CA LYS A 326 22.91 -1.83 18.89
C LYS A 326 22.27 -1.12 17.70
N ASP A 327 22.24 0.22 17.72
CA ASP A 327 21.66 0.97 16.62
C ASP A 327 22.46 0.77 15.34
N ALA A 328 23.79 0.82 15.44
CA ALA A 328 24.63 0.61 14.27
C ALA A 328 24.41 -0.78 13.69
N LEU A 329 24.33 -1.80 14.55
CA LEU A 329 24.11 -3.16 14.06
C LEU A 329 22.73 -3.31 13.45
N THR A 330 21.73 -2.63 13.99
CA THR A 330 20.40 -2.66 13.39
C THR A 330 20.42 -2.10 11.98
N LYS A 331 21.05 -0.93 11.80
CA LYS A 331 21.13 -0.35 10.48
C LYS A 331 21.92 -1.23 9.53
N MET A 332 23.01 -1.82 10.02
CA MET A 332 23.83 -2.68 9.18
C MET A 332 23.07 -3.93 8.76
N ARG A 333 22.30 -4.52 9.67
CA ARG A 333 21.48 -5.67 9.34
C ARG A 333 20.42 -5.32 8.30
N ALA A 334 19.79 -4.16 8.46
CA ALA A 334 18.81 -3.72 7.46
C ALA A 334 19.47 -3.56 6.09
N ALA A 335 20.65 -2.96 6.06
CA ALA A 335 21.35 -2.78 4.79
C ALA A 335 21.71 -4.13 4.17
N ALA A 336 22.21 -5.07 4.98
CA ALA A 336 22.57 -6.37 4.47
C ALA A 336 21.36 -7.10 3.91
N LEU A 337 20.24 -7.06 4.61
CA LEU A 337 19.02 -7.70 4.13
C LEU A 337 18.55 -7.07 2.82
N ASP A 338 18.62 -5.73 2.74
CA ASP A 338 18.18 -5.06 1.52
C ASP A 338 19.08 -5.41 0.35
N ALA A 339 20.39 -5.49 0.58
CA ALA A 339 21.32 -5.79 -0.50
C ALA A 339 21.34 -7.26 -0.88
N GLN A 340 20.88 -8.15 0.01
CA GLN A 340 20.83 -9.57 -0.33
C GLN A 340 19.86 -9.87 -1.45
N LYS A 341 18.86 -9.02 -1.68
CA LYS A 341 17.86 -9.27 -2.70
C LYS A 341 18.31 -8.84 -4.10
N ALA A 342 19.44 -8.15 -4.22
CA ALA A 342 19.92 -7.71 -5.51
C ALA A 342 20.58 -8.85 -6.27
N ASP A 359 26.64 -17.94 -4.08
CA ASP A 359 27.88 -17.28 -3.68
C ASP A 359 27.60 -16.04 -2.85
N PHE A 360 27.02 -15.02 -3.47
CA PHE A 360 26.67 -13.81 -2.74
C PHE A 360 25.52 -14.04 -1.77
N ARG A 361 24.63 -14.98 -2.09
CA ARG A 361 23.54 -15.30 -1.18
C ARG A 361 24.07 -15.86 0.13
N HIS A 362 25.08 -16.74 0.06
CA HIS A 362 25.66 -17.31 1.27
C HIS A 362 26.53 -16.30 2.01
N GLY A 363 27.24 -15.45 1.27
CA GLY A 363 28.09 -14.46 1.91
C GLY A 363 27.29 -13.46 2.71
N PHE A 364 26.22 -12.94 2.11
CA PHE A 364 25.31 -12.07 2.86
C PHE A 364 24.63 -12.83 3.99
N ASP A 365 24.39 -14.13 3.80
CA ASP A 365 23.81 -14.95 4.86
C ASP A 365 24.71 -14.97 6.08
N ILE A 366 26.00 -15.25 5.90
CA ILE A 366 26.92 -15.29 7.02
C ILE A 366 27.18 -13.89 7.56
N LEU A 367 27.09 -12.86 6.72
CA LEU A 367 27.23 -11.50 7.21
C LEU A 367 26.09 -11.15 8.16
N VAL A 368 24.86 -11.47 7.77
CA VAL A 368 23.71 -11.22 8.63
C VAL A 368 23.81 -12.06 9.90
N GLY A 369 24.31 -13.29 9.77
CA GLY A 369 24.51 -14.12 10.95
C GLY A 369 25.46 -13.49 11.94
N GLN A 370 26.62 -13.02 11.46
CA GLN A 370 27.59 -12.40 12.34
C GLN A 370 27.06 -11.11 12.94
N ILE A 371 26.29 -10.35 12.16
CA ILE A 371 25.58 -9.20 12.73
C ILE A 371 24.67 -9.66 13.85
N ASP A 372 24.05 -10.83 13.69
CA ASP A 372 23.17 -11.36 14.73
C ASP A 372 23.93 -11.68 16.01
N ASP A 373 25.10 -12.32 15.91
CA ASP A 373 25.89 -12.56 17.12
C ASP A 373 26.32 -11.25 17.76
N ALA A 374 26.69 -10.26 16.95
CA ALA A 374 27.09 -8.97 17.50
C ALA A 374 25.93 -8.31 18.23
N LEU A 375 24.73 -8.38 17.64
CA LEU A 375 23.54 -7.82 18.28
C LEU A 375 23.22 -8.55 19.57
N LYS A 376 23.37 -9.88 19.57
CA LYS A 376 23.14 -10.66 20.79
C LYS A 376 24.10 -10.24 21.90
N LEU A 377 25.38 -10.09 21.56
CA LEU A 377 26.36 -9.66 22.54
C LEU A 377 26.05 -8.26 23.06
N ALA A 378 25.63 -7.35 22.17
CA ALA A 378 25.27 -6.00 22.60
C ALA A 378 24.06 -6.03 23.52
N ASN A 379 23.06 -6.85 23.20
CA ASN A 379 21.87 -6.95 24.04
C ASN A 379 22.22 -7.53 25.40
N GLU A 380 23.16 -8.47 25.44
CA GLU A 380 23.58 -9.04 26.72
C GLU A 380 24.27 -8.01 27.61
N GLY A 381 24.67 -6.87 27.05
CA GLY A 381 25.32 -5.80 27.79
C GLY A 381 26.81 -5.68 27.50
N LYS A 382 27.44 -6.73 26.99
CA LYS A 382 28.85 -6.67 26.66
C LYS A 382 29.08 -5.75 25.46
N VAL A 383 30.14 -4.95 25.53
CA VAL A 383 30.49 -4.02 24.47
C VAL A 383 31.76 -4.43 23.75
N LYS A 384 32.80 -4.84 24.50
CA LYS A 384 34.04 -5.26 23.86
C LYS A 384 33.82 -6.51 22.99
N GLU A 385 33.00 -7.44 23.47
CA GLU A 385 32.65 -8.59 22.66
C GLU A 385 31.94 -8.16 21.38
N ALA A 386 31.14 -7.09 21.45
CA ALA A 386 30.54 -6.54 20.24
C ALA A 386 31.62 -6.02 19.30
N GLN A 387 32.69 -5.42 19.83
CA GLN A 387 33.79 -4.98 18.99
C GLN A 387 34.48 -6.15 18.31
N ALA A 388 34.70 -7.25 19.04
CA ALA A 388 35.30 -8.42 18.43
C ALA A 388 34.40 -9.00 17.33
N ALA A 389 33.10 -9.06 17.60
CA ALA A 389 32.16 -9.54 16.59
C ALA A 389 32.17 -8.62 15.37
N ALA A 390 32.31 -7.31 15.59
CA ALA A 390 32.39 -6.37 14.47
C ALA A 390 33.66 -6.57 13.65
N GLU A 391 34.78 -6.90 14.32
CA GLU A 391 36.01 -7.18 13.58
C GLU A 391 35.85 -8.44 12.73
N GLN A 392 35.23 -9.48 13.30
CA GLN A 392 34.95 -10.68 12.51
C GLN A 392 34.02 -10.35 11.34
N LEU A 393 33.05 -9.47 11.58
CA LEU A 393 32.16 -9.03 10.51
C LEU A 393 32.95 -8.32 9.42
N LYS A 394 33.94 -7.51 9.81
CA LYS A 394 34.75 -6.78 8.84
C LYS A 394 35.55 -7.73 7.97
N THR A 395 36.16 -8.76 8.57
CA THR A 395 36.92 -9.69 7.73
C THR A 395 35.99 -10.52 6.85
N THR A 396 34.81 -10.89 7.36
CA THR A 396 33.84 -11.60 6.53
C THR A 396 33.41 -10.73 5.35
N ARG A 397 33.19 -9.44 5.59
CA ARG A 397 32.84 -8.53 4.50
C ARG A 397 33.95 -8.44 3.47
N ASN A 398 35.19 -8.23 3.95
CA ASN A 398 36.32 -8.12 3.03
C ASN A 398 36.52 -9.39 2.21
N ALA A 399 36.16 -10.54 2.77
CA ALA A 399 36.35 -11.79 2.05
C ALA A 399 35.20 -12.05 1.06
N TYR A 400 33.98 -12.14 1.56
CA TYR A 400 32.86 -12.61 0.76
C TYR A 400 32.08 -11.51 0.06
N ILE A 401 32.07 -10.29 0.62
CA ILE A 401 31.13 -9.28 0.18
C ILE A 401 31.79 -8.41 -0.90
N GLN A 402 33.09 -8.20 -0.77
CA GLN A 402 33.80 -7.30 -1.69
C GLN A 402 33.75 -7.79 -3.13
N LYS A 403 33.56 -9.09 -3.36
CA LYS A 403 33.36 -9.57 -4.72
C LYS A 403 32.07 -9.00 -5.31
N TYR A 404 31.02 -8.94 -4.50
CA TYR A 404 29.86 -8.11 -4.81
C TYR A 404 30.24 -6.65 -4.60
N LEU A 405 29.41 -5.75 -5.15
CA LEU A 405 29.69 -4.32 -5.11
C LEU A 405 30.90 -3.99 -5.98
N GLU A 406 31.54 -5.03 -6.52
CA GLU A 406 32.56 -4.89 -7.55
C GLU A 406 32.10 -5.48 -8.87
N ARG A 407 31.65 -6.74 -8.87
CA ARG A 407 30.92 -7.24 -10.03
C ARG A 407 29.59 -6.53 -10.17
N ALA A 408 28.97 -6.16 -9.05
CA ALA A 408 27.72 -5.41 -9.10
C ALA A 408 27.91 -4.07 -9.81
N ARG A 409 29.00 -3.36 -9.51
CA ARG A 409 29.30 -2.16 -10.28
C ARG A 409 30.12 -2.49 -11.52
N SER A 410 29.68 -3.53 -12.23
CA SER A 410 30.16 -3.82 -13.57
C SER A 410 29.06 -4.28 -14.50
N THR A 411 27.91 -4.69 -13.98
CA THR A 411 26.75 -5.08 -14.78
C THR A 411 25.55 -4.16 -14.53
N LEU A 412 25.22 -3.92 -13.26
CA LEU A 412 24.06 -3.10 -12.91
C LEU A 412 24.33 -1.64 -13.22
N GLU B 21 0.37 -30.81 11.54
CA GLU B 21 0.05 -29.50 12.08
C GLU B 21 0.95 -29.17 13.27
N VAL B 22 1.04 -27.88 13.60
CA VAL B 22 1.80 -27.41 14.74
C VAL B 22 0.93 -26.50 15.57
N GLN B 23 0.96 -26.67 16.89
CA GLN B 23 0.10 -25.94 17.80
C GLN B 23 0.92 -25.40 18.97
N LEU B 24 0.47 -24.27 19.50
CA LEU B 24 1.04 -23.69 20.72
C LEU B 24 -0.11 -23.45 21.69
N VAL B 25 -0.12 -24.20 22.80
CA VAL B 25 -1.14 -24.08 23.83
C VAL B 25 -0.53 -23.37 25.02
N GLU B 26 -1.16 -22.30 25.46
CA GLU B 26 -0.68 -21.48 26.57
C GLU B 26 -1.61 -21.64 27.77
N SER B 27 -1.03 -21.79 28.95
CA SER B 27 -1.81 -21.94 30.17
C SER B 27 -1.07 -21.28 31.33
N GLY B 28 -1.84 -20.94 32.35
CA GLY B 28 -1.28 -20.36 33.55
C GLY B 28 -1.94 -19.05 33.97
N GLY B 29 -2.41 -18.28 32.99
CA GLY B 29 -2.95 -16.97 33.29
C GLY B 29 -4.20 -17.04 34.14
N GLY B 30 -4.39 -16.00 34.95
CA GLY B 30 -5.53 -15.95 35.86
C GLY B 30 -5.45 -14.73 36.76
N LEU B 31 -6.09 -14.85 37.91
CA LEU B 31 -6.16 -13.76 38.88
C LEU B 31 -4.86 -13.71 39.68
N VAL B 32 -4.19 -12.55 39.65
CA VAL B 32 -2.97 -12.35 40.42
C VAL B 32 -3.00 -10.95 41.02
N GLN B 33 -2.72 -10.86 42.31
CA GLN B 33 -2.69 -9.56 42.98
C GLN B 33 -1.48 -8.76 42.50
N PRO B 34 -1.56 -7.42 42.54
CA PRO B 34 -0.43 -6.61 42.09
C PRO B 34 0.82 -6.91 42.89
N GLY B 35 1.96 -6.93 42.19
CA GLY B 35 3.21 -7.33 42.78
C GLY B 35 3.41 -8.82 42.93
N GLY B 36 2.47 -9.64 42.44
CA GLY B 36 2.54 -11.07 42.58
C GLY B 36 3.37 -11.74 41.50
N SER B 37 3.31 -13.06 41.50
CA SER B 37 4.08 -13.87 40.57
C SER B 37 3.16 -14.86 39.86
N LEU B 38 3.49 -15.13 38.59
CA LEU B 38 2.74 -16.06 37.79
C LEU B 38 3.69 -16.60 36.73
N ARG B 39 3.41 -17.79 36.22
CA ARG B 39 4.25 -18.44 35.22
C ARG B 39 3.36 -18.99 34.13
N LEU B 40 3.47 -18.41 32.93
CA LEU B 40 2.73 -18.88 31.76
C LEU B 40 3.61 -19.83 30.97
N SER B 41 3.09 -21.01 30.68
CA SER B 41 3.83 -22.06 30.01
C SER B 41 3.16 -22.36 28.67
N CYS B 42 3.73 -21.85 27.58
CA CYS B 42 3.24 -22.20 26.26
C CYS B 42 3.93 -23.48 25.79
N ALA B 43 3.13 -24.46 25.41
CA ALA B 43 3.62 -25.78 25.04
C ALA B 43 3.60 -25.91 23.53
N ALA B 44 4.71 -26.38 22.97
CA ALA B 44 4.87 -26.48 21.52
C ALA B 44 4.63 -27.93 21.10
N SER B 45 3.70 -28.12 20.17
CA SER B 45 3.44 -29.42 19.57
C SER B 45 3.61 -29.32 18.07
N GLY B 46 4.26 -30.31 17.48
CA GLY B 46 4.51 -30.34 16.06
C GLY B 46 5.93 -29.97 15.67
N PHE B 47 6.68 -29.34 16.56
CA PHE B 47 8.08 -29.03 16.32
C PHE B 47 8.81 -29.03 17.65
N ASN B 48 10.03 -28.49 17.65
CA ASN B 48 10.84 -28.43 18.85
C ASN B 48 11.19 -26.97 19.16
N VAL B 49 11.29 -26.66 20.45
CA VAL B 49 11.67 -25.33 20.88
C VAL B 49 13.12 -25.03 20.55
N ARG B 50 13.92 -26.06 20.27
CA ARG B 50 15.32 -25.86 19.91
C ARG B 50 15.52 -25.49 18.45
N SER B 51 14.49 -25.65 17.61
CA SER B 51 14.58 -25.30 16.20
C SER B 51 13.83 -24.03 15.85
N PHE B 52 13.09 -23.45 16.79
CA PHE B 52 12.35 -22.22 16.55
C PHE B 52 12.52 -21.31 17.75
N SER B 53 12.37 -20.02 17.51
CA SER B 53 12.46 -19.02 18.57
C SER B 53 11.07 -18.70 19.09
N ILE B 54 10.90 -18.75 20.41
CA ILE B 54 9.61 -18.52 21.05
C ILE B 54 9.57 -17.08 21.54
N HIS B 55 8.53 -16.36 21.15
CA HIS B 55 8.31 -14.98 21.55
C HIS B 55 6.97 -14.84 22.24
N TRP B 56 6.87 -13.87 23.12
CA TRP B 56 5.64 -13.55 23.83
C TRP B 56 5.14 -12.19 23.38
N VAL B 57 3.89 -12.13 22.93
CA VAL B 57 3.26 -10.90 22.50
C VAL B 57 1.98 -10.75 23.30
N ARG B 58 1.80 -9.58 23.91
CA ARG B 58 0.65 -9.32 24.77
C ARG B 58 -0.22 -8.23 24.16
N GLN B 59 -1.53 -8.37 24.38
CA GLN B 59 -2.53 -7.43 23.87
C GLN B 59 -3.38 -6.96 25.04
N ALA B 60 -3.20 -5.71 25.44
CA ALA B 60 -4.04 -5.14 26.47
C ALA B 60 -5.49 -5.09 25.99
N PRO B 61 -6.46 -5.24 26.89
CA PRO B 61 -7.86 -5.27 26.46
C PRO B 61 -8.27 -4.04 25.67
N GLY B 62 -8.59 -4.23 24.39
CA GLY B 62 -8.93 -3.12 23.52
C GLY B 62 -7.77 -2.37 22.95
N LYS B 63 -6.54 -2.78 23.23
CA LYS B 63 -5.35 -2.11 22.74
C LYS B 63 -4.66 -2.98 21.69
N GLY B 64 -3.49 -2.51 21.24
CA GLY B 64 -2.75 -3.20 20.20
C GLY B 64 -1.85 -4.30 20.74
N LEU B 65 -1.06 -4.87 19.83
CA LEU B 65 -0.14 -5.94 20.16
C LEU B 65 1.19 -5.36 20.58
N GLU B 66 1.72 -5.86 21.70
CA GLU B 66 3.00 -5.39 22.24
C GLU B 66 3.89 -6.58 22.50
N TRP B 67 5.12 -6.52 21.98
CA TRP B 67 6.10 -7.58 22.22
C TRP B 67 6.56 -7.55 23.67
N VAL B 68 6.80 -8.73 24.22
CA VAL B 68 7.17 -8.89 25.63
C VAL B 68 8.60 -9.38 25.77
N ALA B 69 8.89 -10.58 25.27
CA ALA B 69 10.20 -11.18 25.47
C ALA B 69 10.51 -12.10 24.29
N TYR B 70 11.58 -12.89 24.44
CA TYR B 70 12.07 -13.77 23.39
C TYR B 70 13.09 -14.72 24.01
N ILE B 71 13.00 -15.99 23.63
CA ILE B 71 13.90 -17.03 24.14
C ILE B 71 14.33 -17.90 22.97
N SER B 72 15.61 -18.26 22.95
CA SER B 72 16.16 -19.17 21.95
C SER B 72 16.98 -20.22 22.68
N SER B 73 16.40 -21.41 22.87
CA SER B 73 17.10 -22.46 23.61
C SER B 73 18.35 -22.94 22.88
N SER B 74 18.38 -22.81 21.56
CA SER B 74 19.56 -23.25 20.80
C SER B 74 20.78 -22.45 21.18
N SER B 75 20.63 -21.14 21.35
CA SER B 75 21.75 -20.26 21.68
C SER B 75 21.69 -19.71 23.10
N GLY B 76 20.59 -19.87 23.80
CA GLY B 76 20.44 -19.33 25.13
C GLY B 76 20.20 -17.83 25.19
N SER B 77 19.96 -17.20 24.05
CA SER B 77 19.77 -15.75 24.00
C SER B 77 18.39 -15.39 24.52
N THR B 78 18.34 -14.49 25.48
CA THR B 78 17.09 -13.98 26.03
C THR B 78 17.07 -12.46 25.90
N SER B 79 15.91 -11.93 25.52
CA SER B 79 15.72 -10.49 25.42
C SER B 79 14.34 -10.13 25.92
N TYR B 80 14.20 -8.87 26.32
CA TYR B 80 12.95 -8.37 26.87
C TYR B 80 12.70 -6.97 26.36
N ALA B 81 11.44 -6.56 26.36
CA ALA B 81 11.09 -5.20 25.98
C ALA B 81 11.50 -4.23 27.07
N ASP B 82 11.57 -2.94 26.70
CA ASP B 82 12.01 -1.93 27.64
C ASP B 82 11.06 -1.81 28.83
N SER B 83 9.76 -1.89 28.58
CA SER B 83 8.76 -1.71 29.62
C SER B 83 8.57 -2.95 30.48
N VAL B 84 9.36 -4.01 30.26
CA VAL B 84 9.18 -5.26 30.99
C VAL B 84 10.53 -5.74 31.51
N LYS B 85 11.61 -5.16 31.00
CA LYS B 85 12.94 -5.61 31.35
C LYS B 85 13.19 -5.49 32.84
N GLY B 86 13.81 -6.53 33.41
CA GLY B 86 14.15 -6.55 34.82
C GLY B 86 13.11 -7.13 35.73
N ARG B 87 11.92 -7.44 35.23
CA ARG B 87 10.85 -8.02 36.03
C ARG B 87 10.51 -9.45 35.62
N PHE B 88 10.21 -9.67 34.34
CA PHE B 88 9.87 -11.01 33.88
C PHE B 88 11.12 -11.70 33.34
N THR B 89 11.23 -13.00 33.64
CA THR B 89 12.35 -13.81 33.16
C THR B 89 11.79 -14.92 32.28
N ILE B 90 12.22 -14.97 31.04
CA ILE B 90 11.76 -15.98 30.09
C ILE B 90 12.67 -17.19 30.21
N SER B 91 12.08 -18.37 30.04
CA SER B 91 12.83 -19.62 30.12
C SER B 91 12.16 -20.65 29.23
N ALA B 92 12.94 -21.66 28.85
CA ALA B 92 12.43 -22.74 28.01
C ALA B 92 13.19 -24.02 28.30
N ASP B 93 12.45 -25.08 28.62
CA ASP B 93 13.02 -26.40 28.85
C ASP B 93 12.75 -27.25 27.62
N THR B 94 13.82 -27.60 26.91
CA THR B 94 13.66 -28.37 25.67
C THR B 94 13.23 -29.80 25.93
N SER B 95 13.39 -30.30 27.16
CA SER B 95 12.90 -31.64 27.47
C SER B 95 11.38 -31.70 27.40
N LYS B 96 10.70 -30.68 27.93
CA LYS B 96 9.25 -30.61 27.89
C LYS B 96 8.72 -29.90 26.65
N ASN B 97 9.60 -29.31 25.84
CA ASN B 97 9.20 -28.57 24.65
C ASN B 97 8.24 -27.44 25.00
N THR B 98 8.49 -26.78 26.12
CA THR B 98 7.64 -25.70 26.61
C THR B 98 8.49 -24.48 26.91
N ALA B 99 7.86 -23.32 26.86
CA ALA B 99 8.50 -22.06 27.18
C ALA B 99 7.76 -21.39 28.33
N TYR B 100 8.50 -20.89 29.31
CA TYR B 100 7.91 -20.30 30.51
C TYR B 100 8.29 -18.82 30.58
N LEU B 101 7.30 -17.98 30.81
CA LEU B 101 7.51 -16.58 31.14
C LEU B 101 7.05 -16.37 32.58
N GLN B 102 7.95 -15.89 33.43
CA GLN B 102 7.69 -15.79 34.86
C GLN B 102 7.31 -14.35 35.20
N MET B 103 6.06 -14.16 35.60
CA MET B 103 5.63 -12.86 36.11
C MET B 103 6.32 -12.54 37.43
N ASN B 104 6.70 -11.28 37.60
CA ASN B 104 7.30 -10.83 38.85
C ASN B 104 7.14 -9.32 38.97
N SER B 105 6.82 -8.86 40.17
CA SER B 105 6.63 -7.44 40.46
C SER B 105 5.58 -6.84 39.51
N LEU B 106 4.39 -7.41 39.58
CA LEU B 106 3.33 -7.08 38.63
C LEU B 106 2.68 -5.75 38.99
N ARG B 107 2.09 -5.13 37.96
CA ARG B 107 1.34 -3.90 38.14
C ARG B 107 0.12 -3.93 37.23
N ALA B 108 -0.82 -3.01 37.48
CA ALA B 108 -2.11 -3.05 36.81
C ALA B 108 -1.98 -2.90 35.30
N GLU B 109 -0.92 -2.23 34.83
CA GLU B 109 -0.73 -2.03 33.40
C GLU B 109 -0.36 -3.30 32.66
N ASP B 110 -0.05 -4.39 33.37
CA ASP B 110 0.42 -5.61 32.73
C ASP B 110 -0.70 -6.58 32.39
N THR B 111 -1.95 -6.29 32.74
CA THR B 111 -3.04 -7.21 32.41
C THR B 111 -3.31 -7.17 30.91
N ALA B 112 -3.38 -8.35 30.31
CA ALA B 112 -3.51 -8.49 28.87
C ALA B 112 -3.69 -9.97 28.55
N VAL B 113 -3.98 -10.25 27.29
CA VAL B 113 -3.97 -11.62 26.78
C VAL B 113 -2.60 -11.87 26.17
N TYR B 114 -1.93 -12.92 26.66
CA TYR B 114 -0.54 -13.17 26.30
C TYR B 114 -0.48 -14.26 25.24
N TYR B 115 0.22 -13.97 24.15
CA TYR B 115 0.34 -14.87 23.01
C TYR B 115 1.78 -15.35 22.90
N CYS B 116 1.96 -16.67 22.83
CA CYS B 116 3.26 -17.28 22.59
C CYS B 116 3.34 -17.62 21.11
N ALA B 117 4.34 -17.08 20.43
CA ALA B 117 4.47 -17.22 18.99
C ALA B 117 5.83 -17.80 18.65
N ARG B 118 5.90 -18.51 17.52
CA ARG B 118 7.11 -19.15 17.07
C ARG B 118 7.68 -18.41 15.88
N TRP B 119 9.00 -18.49 15.71
CA TRP B 119 9.71 -17.71 14.71
C TRP B 119 10.97 -18.46 14.33
N GLY B 120 11.14 -18.69 13.02
CA GLY B 120 12.26 -19.47 12.55
C GLY B 120 13.58 -18.77 12.70
N TYR B 121 14.64 -19.57 12.71
CA TYR B 121 15.99 -19.06 12.83
C TYR B 121 16.53 -18.61 11.47
N TRP B 122 17.53 -17.75 11.52
CA TRP B 122 18.28 -17.43 10.32
C TRP B 122 19.10 -18.64 9.88
N PRO B 123 19.26 -18.87 8.58
CA PRO B 123 18.71 -18.13 7.45
C PRO B 123 17.56 -18.83 6.75
N GLY B 124 17.07 -18.25 5.66
CA GLY B 124 16.08 -18.90 4.83
C GLY B 124 14.67 -18.41 5.08
N GLU B 125 13.73 -19.16 4.50
CA GLU B 125 12.31 -18.83 4.66
C GLU B 125 11.83 -18.80 6.10
N PRO B 126 12.21 -19.73 7.00
CA PRO B 126 11.62 -19.70 8.35
C PRO B 126 11.78 -18.38 9.07
N TRP B 127 12.91 -17.69 8.89
CA TRP B 127 13.07 -16.38 9.51
C TRP B 127 12.14 -15.36 8.88
N TRP B 128 11.96 -15.42 7.56
CA TRP B 128 11.15 -14.43 6.87
C TRP B 128 9.68 -14.58 7.20
N LYS B 129 9.23 -15.79 7.49
CA LYS B 129 7.88 -15.99 8.05
C LYS B 129 7.95 -15.62 9.51
N ALA B 130 7.57 -14.39 9.83
CA ALA B 130 7.85 -13.82 11.15
C ALA B 130 7.21 -14.61 12.27
N PHE B 131 5.88 -14.58 12.33
CA PHE B 131 5.11 -15.34 13.33
C PHE B 131 4.02 -16.07 12.56
N ASP B 132 4.36 -17.22 12.00
CA ASP B 132 3.41 -17.95 11.17
C ASP B 132 2.37 -18.67 12.01
N TYR B 133 2.74 -19.18 13.18
CA TYR B 133 1.87 -20.01 14.00
C TYR B 133 1.85 -19.46 15.41
N TRP B 134 0.79 -18.72 15.73
CA TRP B 134 0.63 -18.15 17.07
C TRP B 134 0.01 -19.18 18.01
N GLY B 135 -0.19 -18.76 19.25
CA GLY B 135 -0.84 -19.59 20.25
C GLY B 135 -2.33 -19.37 20.26
N GLN B 136 -2.91 -19.46 21.46
CA GLN B 136 -4.32 -19.21 21.65
C GLN B 136 -4.61 -18.11 22.65
N GLY B 137 -3.62 -17.67 23.42
CA GLY B 137 -3.82 -16.58 24.36
C GLY B 137 -4.19 -17.07 25.74
N THR B 138 -3.80 -16.30 26.75
CA THR B 138 -4.14 -16.56 28.13
C THR B 138 -4.35 -15.23 28.83
N LEU B 139 -5.58 -14.98 29.25
CA LEU B 139 -5.92 -13.69 29.86
C LEU B 139 -5.32 -13.61 31.26
N VAL B 140 -4.34 -12.73 31.42
CA VAL B 140 -3.75 -12.43 32.72
C VAL B 140 -4.39 -11.16 33.22
N THR B 141 -5.04 -11.23 34.37
CA THR B 141 -5.71 -10.09 34.98
C THR B 141 -5.08 -9.80 36.33
N VAL B 142 -4.67 -8.55 36.53
CA VAL B 142 -4.04 -8.13 37.77
C VAL B 142 -4.72 -6.87 38.28
N SER B 143 -5.16 -6.90 39.53
CA SER B 143 -5.71 -5.73 40.21
C SER B 143 -5.91 -6.09 41.68
N SER B 144 -5.83 -5.09 42.54
CA SER B 144 -5.99 -5.28 43.98
C SER B 144 -7.49 -5.29 44.31
N ALA B 145 -8.14 -6.37 43.89
CA ALA B 145 -9.58 -6.52 44.07
C ALA B 145 -9.89 -7.96 44.43
N SER B 146 -11.07 -8.16 45.01
CA SER B 146 -11.55 -9.47 45.40
C SER B 146 -12.90 -9.74 44.75
N THR B 147 -13.19 -11.02 44.52
CA THR B 147 -14.43 -11.38 43.85
C THR B 147 -15.64 -11.01 44.70
N LYS B 148 -16.65 -10.43 44.05
CA LYS B 148 -17.88 -10.06 44.72
C LYS B 148 -19.01 -10.07 43.71
N GLY B 149 -20.23 -10.27 44.20
CA GLY B 149 -21.40 -10.37 43.36
C GLY B 149 -21.78 -9.04 42.75
N PRO B 150 -22.38 -9.08 41.56
CA PRO B 150 -22.80 -7.85 40.90
C PRO B 150 -24.17 -7.41 41.40
N SER B 151 -24.31 -6.10 41.60
CA SER B 151 -25.57 -5.51 42.06
C SER B 151 -26.36 -5.09 40.83
N VAL B 152 -27.28 -5.95 40.39
CA VAL B 152 -28.11 -5.62 39.23
C VAL B 152 -29.10 -4.52 39.61
N PHE B 153 -29.11 -3.46 38.80
CA PHE B 153 -29.95 -2.29 39.06
C PHE B 153 -30.76 -2.02 37.82
N PRO B 154 -32.09 -1.93 37.91
CA PRO B 154 -32.90 -1.74 36.71
C PRO B 154 -32.95 -0.29 36.28
N LEU B 155 -32.99 -0.09 34.96
CA LEU B 155 -33.18 1.22 34.35
C LEU B 155 -34.57 1.24 33.74
N ALA B 156 -35.51 1.86 34.43
CA ALA B 156 -36.90 1.85 34.00
C ALA B 156 -37.08 2.66 32.72
N PRO B 157 -37.98 2.25 31.84
CA PRO B 157 -38.25 3.05 30.63
C PRO B 157 -38.94 4.36 30.98
N SER B 158 -38.73 5.36 30.12
CA SER B 158 -39.34 6.66 30.34
C SER B 158 -40.85 6.56 30.18
N SER B 159 -41.58 6.99 31.21
CA SER B 159 -43.04 6.94 31.15
C SER B 159 -43.59 7.87 30.07
N LYS B 160 -43.00 9.06 29.93
CA LYS B 160 -43.46 9.99 28.90
C LYS B 160 -43.24 9.42 27.51
N SER B 161 -42.10 8.78 27.28
CA SER B 161 -41.81 8.19 25.97
C SER B 161 -42.69 6.98 25.70
N GLY B 165 -42.57 5.70 19.92
CA GLY B 165 -43.28 4.45 19.71
C GLY B 165 -42.55 3.24 20.28
N THR B 166 -41.22 3.33 20.36
CA THR B 166 -40.38 2.28 20.89
C THR B 166 -39.75 2.74 22.20
N ALA B 167 -39.89 1.92 23.23
CA ALA B 167 -39.34 2.22 24.54
C ALA B 167 -38.02 1.48 24.75
N ALA B 168 -37.21 2.01 25.66
CA ALA B 168 -35.91 1.45 25.97
C ALA B 168 -35.91 0.89 27.38
N LEU B 169 -35.51 -0.37 27.51
CA LEU B 169 -35.45 -1.07 28.78
C LEU B 169 -33.99 -1.32 29.15
N GLY B 170 -33.77 -2.06 30.22
CA GLY B 170 -32.42 -2.48 30.54
C GLY B 170 -32.25 -2.76 32.02
N CYS B 171 -31.18 -3.49 32.32
CA CYS B 171 -30.76 -3.73 33.69
C CYS B 171 -29.26 -3.52 33.78
N LEU B 172 -28.83 -2.82 34.82
CA LEU B 172 -27.44 -2.40 34.99
C LEU B 172 -26.82 -3.17 36.14
N VAL B 173 -25.66 -3.78 35.90
CA VAL B 173 -24.93 -4.50 36.94
C VAL B 173 -23.63 -3.77 37.21
N LYS B 174 -23.14 -3.89 38.45
CA LYS B 174 -21.97 -3.15 38.88
C LYS B 174 -21.24 -3.95 39.95
N ASP B 175 -19.96 -3.62 40.11
CA ASP B 175 -19.12 -4.15 41.20
C ASP B 175 -19.04 -5.68 41.15
N TYR B 176 -18.40 -6.17 40.08
CA TYR B 176 -18.08 -7.58 39.97
C TYR B 176 -16.67 -7.73 39.40
N PHE B 177 -15.85 -8.55 40.06
CA PHE B 177 -14.42 -8.63 39.71
C PHE B 177 -14.15 -9.42 38.43
N PRO B 178 -14.48 -10.71 38.35
CA PRO B 178 -14.13 -11.48 37.15
C PRO B 178 -15.17 -11.24 36.06
N GLU B 179 -14.89 -11.78 34.86
CA GLU B 179 -15.78 -11.51 33.75
C GLU B 179 -16.38 -12.75 33.08
N PRO B 180 -16.88 -13.76 33.81
CA PRO B 180 -17.85 -14.70 33.24
C PRO B 180 -19.30 -14.29 33.51
N VAL B 181 -19.63 -13.04 33.17
CA VAL B 181 -20.95 -12.49 33.45
C VAL B 181 -21.77 -12.53 32.18
N THR B 182 -22.94 -13.16 32.25
CA THR B 182 -23.84 -13.29 31.13
C THR B 182 -25.20 -12.71 31.49
N VAL B 183 -25.81 -11.99 30.55
CA VAL B 183 -27.10 -11.35 30.76
C VAL B 183 -28.07 -11.95 29.75
N SER B 184 -29.19 -12.46 30.25
CA SER B 184 -30.24 -13.03 29.41
C SER B 184 -31.58 -12.43 29.83
N TRP B 185 -32.35 -11.97 28.86
CA TRP B 185 -33.66 -11.38 29.11
C TRP B 185 -34.73 -12.44 28.91
N ASN B 186 -35.59 -12.61 29.92
CA ASN B 186 -36.67 -13.59 29.88
C ASN B 186 -36.15 -14.98 29.57
N SER B 187 -35.06 -15.35 30.25
CA SER B 187 -34.42 -16.66 30.09
C SER B 187 -34.05 -16.93 28.63
N GLY B 188 -33.63 -15.87 27.93
CA GLY B 188 -33.24 -15.99 26.55
C GLY B 188 -34.39 -15.99 25.55
N ALA B 189 -35.63 -15.84 26.01
CA ALA B 189 -36.76 -15.81 25.08
C ALA B 189 -36.78 -14.55 24.24
N LEU B 190 -36.16 -13.47 24.70
CA LEU B 190 -36.12 -12.21 23.98
C LEU B 190 -34.68 -11.98 23.50
N THR B 191 -34.51 -11.87 22.20
CA THR B 191 -33.18 -11.67 21.63
C THR B 191 -33.11 -10.43 20.74
N SER B 192 -34.13 -10.18 19.94
CA SER B 192 -34.10 -9.04 19.03
C SER B 192 -34.20 -7.73 19.80
N GLY B 193 -33.31 -6.79 19.50
CA GLY B 193 -33.29 -5.51 20.15
C GLY B 193 -32.45 -5.42 21.40
N VAL B 194 -31.87 -6.52 21.86
CA VAL B 194 -31.03 -6.51 23.04
C VAL B 194 -29.63 -6.04 22.65
N HIS B 195 -28.91 -5.47 23.62
CA HIS B 195 -27.57 -4.95 23.39
C HIS B 195 -26.80 -5.05 24.69
N THR B 196 -26.01 -6.12 24.83
CA THR B 196 -25.15 -6.30 25.99
C THR B 196 -23.80 -5.63 25.69
N PHE B 197 -23.46 -4.63 26.49
CA PHE B 197 -22.27 -3.83 26.25
C PHE B 197 -21.03 -4.54 26.78
N PRO B 198 -19.85 -4.13 26.31
CA PRO B 198 -18.62 -4.57 26.97
C PRO B 198 -18.52 -3.98 28.36
N ALA B 199 -17.89 -4.73 29.25
CA ALA B 199 -17.70 -4.26 30.61
C ALA B 199 -16.67 -3.13 30.64
N VAL B 200 -16.80 -2.27 31.64
CA VAL B 200 -15.90 -1.13 31.82
C VAL B 200 -15.25 -1.24 33.19
N LEU B 201 -13.93 -1.14 33.22
CA LEU B 201 -13.19 -1.17 34.47
C LEU B 201 -13.35 0.15 35.19
N GLN B 202 -13.76 0.08 36.46
CA GLN B 202 -14.00 1.28 37.24
C GLN B 202 -12.76 1.66 38.04
N SER B 203 -12.76 2.89 38.55
CA SER B 203 -11.65 3.37 39.36
C SER B 203 -11.52 2.59 40.66
N SER B 204 -12.58 1.94 41.11
CA SER B 204 -12.56 1.16 42.34
C SER B 204 -12.06 -0.25 42.13
N GLY B 205 -11.50 -0.54 40.95
CA GLY B 205 -10.99 -1.87 40.67
C GLY B 205 -12.04 -2.89 40.28
N LEU B 206 -13.30 -2.49 40.19
CA LEU B 206 -14.38 -3.39 39.84
C LEU B 206 -14.88 -3.07 38.43
N TYR B 207 -15.79 -3.92 37.95
CA TYR B 207 -16.30 -3.82 36.59
C TYR B 207 -17.79 -3.47 36.61
N SER B 208 -18.22 -2.76 35.57
CA SER B 208 -19.61 -2.36 35.40
C SER B 208 -20.11 -2.80 34.04
N LEU B 209 -21.40 -3.09 33.96
CA LEU B 209 -21.99 -3.60 32.73
C LEU B 209 -23.46 -3.22 32.68
N SER B 210 -23.88 -2.68 31.55
CA SER B 210 -25.28 -2.37 31.29
C SER B 210 -25.75 -3.19 30.09
N SER B 211 -26.91 -3.81 30.22
CA SER B 211 -27.54 -4.54 29.13
C SER B 211 -28.94 -3.98 28.91
N VAL B 212 -29.26 -3.64 27.68
CA VAL B 212 -30.50 -2.94 27.35
C VAL B 212 -31.23 -3.68 26.26
N VAL B 213 -32.56 -3.57 26.27
CA VAL B 213 -33.42 -4.10 25.23
C VAL B 213 -34.44 -3.04 24.87
N THR B 214 -34.92 -3.11 23.62
CA THR B 214 -35.87 -2.14 23.09
C THR B 214 -37.09 -2.90 22.57
N VAL B 215 -38.26 -2.54 23.09
CA VAL B 215 -39.52 -3.16 22.65
C VAL B 215 -40.48 -2.04 22.26
N PRO B 216 -41.43 -2.30 21.36
CA PRO B 216 -42.45 -1.29 21.08
C PRO B 216 -43.21 -0.92 22.35
N SER B 217 -43.52 0.37 22.48
CA SER B 217 -44.17 0.84 23.69
C SER B 217 -45.54 0.18 23.86
N SER B 218 -46.47 0.50 22.96
CA SER B 218 -47.81 -0.10 22.94
C SER B 218 -48.40 -0.17 24.35
N SER B 219 -48.31 0.95 25.06
CA SER B 219 -48.66 1.03 26.48
C SER B 219 -47.83 0.02 27.28
N LEU B 220 -46.51 0.26 27.29
CA LEU B 220 -45.50 -0.51 28.00
C LEU B 220 -45.46 -1.97 27.52
N GLY B 221 -46.22 -2.28 26.47
CA GLY B 221 -46.24 -3.62 25.91
C GLY B 221 -46.91 -4.67 26.76
N THR B 222 -47.49 -4.28 27.90
CA THR B 222 -48.18 -5.14 28.86
C THR B 222 -47.52 -6.51 29.00
N GLN B 223 -46.18 -6.53 29.03
CA GLN B 223 -45.42 -7.76 29.14
C GLN B 223 -44.33 -7.58 30.19
N THR B 224 -44.17 -8.61 31.03
CA THR B 224 -43.13 -8.58 32.05
C THR B 224 -41.77 -8.84 31.43
N TYR B 225 -40.78 -8.07 31.86
CA TYR B 225 -39.41 -8.18 31.36
C TYR B 225 -38.50 -8.44 32.56
N ILE B 226 -37.91 -9.64 32.60
CA ILE B 226 -37.04 -10.06 33.68
C ILE B 226 -35.60 -10.12 33.15
N CYS B 227 -34.68 -9.50 33.88
CA CYS B 227 -33.27 -9.48 33.49
C CYS B 227 -32.53 -10.50 34.35
N ASN B 228 -32.09 -11.58 33.73
CA ASN B 228 -31.36 -12.63 34.43
C ASN B 228 -29.86 -12.44 34.19
N VAL B 229 -29.12 -12.15 35.25
CA VAL B 229 -27.69 -11.94 35.18
C VAL B 229 -27.02 -13.02 36.03
N ASN B 230 -26.07 -13.72 35.43
CA ASN B 230 -25.38 -14.83 36.09
C ASN B 230 -23.91 -14.47 36.28
N HIS B 231 -23.43 -14.61 37.52
CA HIS B 231 -22.02 -14.42 37.86
C HIS B 231 -21.53 -15.75 38.43
N LYS B 232 -20.99 -16.58 37.56
CA LYS B 232 -20.59 -17.93 37.97
C LYS B 232 -19.53 -17.93 39.07
N PRO B 233 -18.43 -17.17 38.99
CA PRO B 233 -17.48 -17.18 40.12
C PRO B 233 -18.10 -16.77 41.44
N SER B 234 -19.01 -15.81 41.44
CA SER B 234 -19.72 -15.43 42.65
C SER B 234 -20.93 -16.33 42.92
N ASN B 235 -21.35 -17.12 41.93
CA ASN B 235 -22.49 -18.03 42.07
C ASN B 235 -23.75 -17.28 42.46
N THR B 236 -23.93 -16.09 41.92
CA THR B 236 -25.14 -15.29 42.13
C THR B 236 -25.90 -15.19 40.81
N LYS B 237 -27.05 -15.84 40.74
CA LYS B 237 -27.94 -15.75 39.59
C LYS B 237 -29.18 -15.00 40.05
N VAL B 238 -29.11 -13.67 39.98
CA VAL B 238 -30.15 -12.79 40.48
C VAL B 238 -30.93 -12.23 39.29
N ASP B 239 -32.26 -12.31 39.37
CA ASP B 239 -33.13 -11.81 38.33
C ASP B 239 -33.91 -10.61 38.86
N LYS B 240 -33.82 -9.48 38.17
CA LYS B 240 -34.47 -8.26 38.57
C LYS B 240 -35.54 -7.88 37.57
N LYS B 241 -36.75 -7.66 38.04
CA LYS B 241 -37.88 -7.30 37.19
C LYS B 241 -37.97 -5.78 37.08
N VAL B 242 -38.05 -5.28 35.86
CA VAL B 242 -38.12 -3.85 35.59
C VAL B 242 -39.57 -3.46 35.35
N GLU B 243 -39.92 -2.26 35.78
CA GLU B 243 -41.27 -1.72 35.64
C GLU B 243 -41.19 -0.22 35.42
N PRO B 244 -42.03 0.33 34.53
CA PRO B 244 -42.06 1.78 34.35
C PRO B 244 -42.41 2.50 35.65
N LYS B 245 -41.81 3.66 35.82
CA LYS B 245 -42.08 4.49 37.00
C LYS B 245 -43.44 5.17 36.89
N ASP C 1 12.34 0.46 19.25
CA ASP C 1 12.70 1.81 18.82
C ASP C 1 12.32 2.05 17.37
N ILE C 2 12.15 0.97 16.61
CA ILE C 2 11.76 1.05 15.21
C ILE C 2 10.24 1.16 15.19
N GLN C 3 9.76 2.40 15.26
CA GLN C 3 8.32 2.63 15.32
C GLN C 3 7.67 2.30 13.98
N MET C 4 6.50 1.68 14.03
CA MET C 4 5.71 1.35 12.86
C MET C 4 4.32 1.93 13.03
N THR C 5 3.97 2.89 12.18
CA THR C 5 2.68 3.58 12.25
C THR C 5 1.89 3.31 10.98
N GLN C 6 0.66 2.85 11.13
CA GLN C 6 -0.24 2.61 10.01
C GLN C 6 -1.33 3.67 10.01
N SER C 7 -1.48 4.36 8.88
CA SER C 7 -2.30 5.57 8.84
C SER C 7 -3.78 5.32 9.16
N PRO C 8 -4.48 4.36 8.53
CA PRO C 8 -5.91 4.21 8.82
C PRO C 8 -6.12 3.51 10.15
N SER C 9 -6.58 4.28 11.15
CA SER C 9 -6.88 3.69 12.45
C SER C 9 -8.17 2.89 12.41
N SER C 10 -9.12 3.28 11.55
CA SER C 10 -10.37 2.55 11.41
C SER C 10 -10.94 2.88 10.04
N LEU C 11 -11.02 1.88 9.17
CA LEU C 11 -11.45 2.06 7.79
C LEU C 11 -12.74 1.30 7.56
N SER C 12 -13.68 1.94 6.87
CA SER C 12 -15.00 1.37 6.59
C SER C 12 -15.12 1.10 5.10
N ALA C 13 -15.56 -0.11 4.75
CA ALA C 13 -15.74 -0.50 3.37
C ALA C 13 -16.84 -1.54 3.28
N SER C 14 -17.45 -1.62 2.09
CA SER C 14 -18.51 -2.60 1.85
C SER C 14 -17.90 -3.87 1.26
N VAL C 15 -18.74 -4.89 1.07
CA VAL C 15 -18.28 -6.20 0.62
C VAL C 15 -18.03 -6.09 -0.88
N GLY C 16 -16.78 -5.89 -1.28
CA GLY C 16 -16.44 -5.88 -2.68
C GLY C 16 -15.65 -4.67 -3.15
N ASP C 17 -15.08 -3.90 -2.24
CA ASP C 17 -14.27 -2.75 -2.61
C ASP C 17 -12.79 -3.06 -2.36
N ARG C 18 -11.95 -2.09 -2.73
CA ARG C 18 -10.51 -2.19 -2.57
C ARG C 18 -10.10 -1.52 -1.26
N VAL C 19 -9.47 -2.28 -0.38
CA VAL C 19 -9.03 -1.80 0.93
C VAL C 19 -7.52 -1.67 0.91
N THR C 20 -7.03 -0.49 1.29
CA THR C 20 -5.60 -0.22 1.35
C THR C 20 -5.23 0.24 2.74
N ILE C 21 -4.29 -0.46 3.37
CA ILE C 21 -3.75 -0.10 4.68
C ILE C 21 -2.27 0.18 4.50
N THR C 22 -1.86 1.40 4.84
CA THR C 22 -0.50 1.86 4.59
C THR C 22 0.26 1.94 5.90
N CYS C 23 1.49 1.42 5.89
CA CYS C 23 2.36 1.37 7.07
C CYS C 23 3.65 2.12 6.78
N ARG C 24 4.18 2.78 7.80
CA ARG C 24 5.42 3.54 7.69
C ARG C 24 6.35 3.15 8.84
N ALA C 25 7.63 3.01 8.52
CA ALA C 25 8.65 2.64 9.50
C ALA C 25 9.53 3.83 9.82
N SER C 26 9.94 3.92 11.08
CA SER C 26 10.81 5.02 11.50
C SER C 26 12.14 4.97 10.77
N GLN C 27 12.72 3.79 10.61
CA GLN C 27 13.98 3.61 9.91
C GLN C 27 13.85 2.43 8.97
N SER C 28 14.88 2.26 8.13
CA SER C 28 14.79 1.31 7.03
C SER C 28 14.74 -0.12 7.55
N VAL C 29 13.69 -0.84 7.15
CA VAL C 29 13.60 -2.28 7.29
C VAL C 29 13.39 -2.86 5.90
N SER C 30 14.28 -3.76 5.48
CA SER C 30 14.38 -4.13 4.08
C SER C 30 13.06 -4.70 3.55
N SER C 31 12.66 -5.84 4.09
CA SER C 31 11.36 -6.41 3.81
C SER C 31 10.77 -7.03 5.06
N ALA C 32 11.34 -6.76 6.23
CA ALA C 32 10.88 -7.33 7.48
C ALA C 32 9.57 -6.69 7.89
N VAL C 33 8.50 -6.95 7.13
CA VAL C 33 7.16 -6.53 7.48
C VAL C 33 6.23 -7.72 7.32
N ALA C 34 5.37 -7.93 8.31
CA ALA C 34 4.39 -9.01 8.28
C ALA C 34 3.03 -8.46 8.67
N TRP C 35 2.00 -8.83 7.92
CA TRP C 35 0.65 -8.37 8.16
C TRP C 35 -0.16 -9.49 8.79
N TYR C 36 -0.83 -9.19 9.90
CA TYR C 36 -1.61 -10.16 10.63
C TYR C 36 -3.06 -9.72 10.69
N GLN C 37 -3.97 -10.69 10.64
CA GLN C 37 -5.40 -10.44 10.74
C GLN C 37 -5.90 -11.04 12.05
N GLN C 38 -6.60 -10.23 12.85
CA GLN C 38 -7.09 -10.65 14.15
C GLN C 38 -8.59 -10.42 14.22
N LYS C 39 -9.36 -11.50 14.16
CA LYS C 39 -10.77 -11.42 14.47
C LYS C 39 -10.93 -11.30 15.98
N PRO C 40 -12.02 -10.70 16.45
CA PRO C 40 -12.18 -10.48 17.89
C PRO C 40 -12.11 -11.78 18.68
N GLY C 41 -11.40 -11.74 19.79
CA GLY C 41 -11.29 -12.89 20.67
C GLY C 41 -10.59 -14.08 20.07
N LYS C 42 -9.59 -13.85 19.23
CA LYS C 42 -8.85 -14.94 18.62
C LYS C 42 -7.42 -14.48 18.34
N ALA C 43 -6.52 -15.45 18.25
CA ALA C 43 -5.12 -15.14 17.99
C ALA C 43 -4.93 -14.66 16.56
N PRO C 44 -3.95 -13.78 16.33
CA PRO C 44 -3.71 -13.30 14.97
C PRO C 44 -3.19 -14.40 14.06
N LYS C 45 -3.45 -14.23 12.77
CA LYS C 45 -2.99 -15.15 11.74
C LYS C 45 -2.16 -14.40 10.71
N LEU C 46 -1.06 -15.00 10.28
CA LEU C 46 -0.22 -14.38 9.28
C LEU C 46 -0.94 -14.26 7.94
N LEU C 47 -0.79 -13.10 7.31
CA LEU C 47 -1.40 -12.84 6.02
C LEU C 47 -0.36 -12.64 4.93
N ILE C 48 0.57 -11.69 5.11
CA ILE C 48 1.58 -11.38 4.11
C ILE C 48 2.92 -11.32 4.83
N TYR C 49 3.66 -12.42 4.80
CA TYR C 49 5.02 -12.42 5.32
C TYR C 49 5.94 -11.78 4.31
N SER C 50 7.02 -11.19 4.81
CA SER C 50 7.91 -10.34 4.01
C SER C 50 7.15 -9.19 3.39
N ALA C 51 7.80 -8.42 2.52
CA ALA C 51 7.16 -7.23 1.98
C ALA C 51 5.92 -7.57 1.18
N SER C 52 5.99 -8.58 0.33
CA SER C 52 4.87 -8.91 -0.54
C SER C 52 4.58 -10.40 -0.65
N SER C 53 5.36 -11.26 0.01
CA SER C 53 5.13 -12.69 -0.11
C SER C 53 3.82 -13.07 0.57
N LEU C 54 3.09 -13.98 -0.07
CA LEU C 54 1.77 -14.38 0.36
C LEU C 54 1.85 -15.70 1.13
N TYR C 55 1.33 -15.69 2.35
CA TYR C 55 1.37 -16.88 3.19
C TYR C 55 0.47 -17.97 2.63
N SER C 56 0.88 -19.21 2.82
CA SER C 56 0.14 -20.35 2.29
C SER C 56 -0.99 -20.71 3.24
N GLY C 57 -2.23 -20.43 2.83
CA GLY C 57 -3.38 -20.77 3.63
C GLY C 57 -4.41 -19.66 3.71
N VAL C 58 -4.15 -18.56 3.03
CA VAL C 58 -5.07 -17.42 3.03
C VAL C 58 -5.39 -17.05 1.59
N PRO C 59 -6.55 -16.47 1.32
CA PRO C 59 -6.94 -16.19 -0.07
C PRO C 59 -6.02 -15.17 -0.72
N SER C 60 -5.95 -15.23 -2.06
CA SER C 60 -5.11 -14.35 -2.84
C SER C 60 -5.64 -12.93 -2.93
N ARG C 61 -6.75 -12.62 -2.24
CA ARG C 61 -7.24 -11.25 -2.22
C ARG C 61 -6.26 -10.33 -1.49
N PHE C 62 -5.50 -10.87 -0.54
CA PHE C 62 -4.55 -10.08 0.22
C PHE C 62 -3.24 -9.93 -0.56
N SER C 63 -2.78 -8.69 -0.70
CA SER C 63 -1.53 -8.41 -1.38
C SER C 63 -0.76 -7.35 -0.60
N GLY C 64 0.56 -7.38 -0.75
CA GLY C 64 1.41 -6.41 -0.10
C GLY C 64 2.36 -5.80 -1.10
N SER C 65 2.93 -4.65 -0.71
CA SER C 65 3.87 -3.95 -1.56
C SER C 65 4.78 -3.10 -0.69
N ARG C 66 5.98 -2.83 -1.21
CA ARG C 66 6.96 -2.00 -0.52
C ARG C 66 7.37 -0.86 -1.43
N SER C 67 7.32 0.36 -0.90
CA SER C 67 7.84 1.55 -1.57
C SER C 67 8.85 2.16 -0.60
N GLY C 68 10.08 1.67 -0.67
CA GLY C 68 11.11 2.10 0.26
C GLY C 68 10.78 1.75 1.69
N THR C 69 10.49 2.76 2.51
CA THR C 69 10.13 2.57 3.90
C THR C 69 8.63 2.46 4.10
N ASP C 70 7.84 2.62 3.05
CA ASP C 70 6.39 2.54 3.14
C ASP C 70 5.90 1.16 2.73
N PHE C 71 4.96 0.62 3.50
CA PHE C 71 4.40 -0.70 3.24
C PHE C 71 2.89 -0.61 3.19
N THR C 72 2.30 -1.30 2.22
CA THR C 72 0.86 -1.24 1.98
C THR C 72 0.28 -2.64 1.86
N LEU C 73 -0.95 -2.79 2.32
CA LEU C 73 -1.69 -4.04 2.23
C LEU C 73 -2.97 -3.80 1.43
N THR C 74 -3.25 -4.68 0.48
CA THR C 74 -4.39 -4.54 -0.41
C THR C 74 -5.31 -5.75 -0.27
N ILE C 75 -6.60 -5.48 -0.11
CA ILE C 75 -7.61 -6.52 0.06
C ILE C 75 -8.65 -6.37 -1.05
N SER C 76 -8.17 -6.01 -2.25
CA SER C 76 -8.97 -5.46 -3.35
C SER C 76 -10.33 -6.14 -3.56
N SER C 77 -10.45 -7.42 -3.23
CA SER C 77 -11.71 -8.13 -3.31
C SER C 77 -12.12 -8.50 -1.88
N LEU C 78 -12.98 -7.68 -1.28
CA LEU C 78 -13.42 -7.93 0.08
C LEU C 78 -14.41 -9.11 0.12
N GLN C 79 -14.64 -9.61 1.32
CA GLN C 79 -15.50 -10.76 1.54
C GLN C 79 -16.07 -10.65 2.94
N PRO C 80 -17.18 -11.33 3.22
CA PRO C 80 -17.79 -11.23 4.57
C PRO C 80 -16.92 -11.78 5.68
N GLU C 81 -15.74 -12.32 5.35
CA GLU C 81 -14.85 -12.87 6.35
C GLU C 81 -13.55 -12.08 6.47
N ASP C 82 -13.45 -10.92 5.83
CA ASP C 82 -12.27 -10.08 5.92
C ASP C 82 -12.45 -8.91 6.87
N PHE C 83 -13.50 -8.92 7.68
CA PHE C 83 -13.80 -7.82 8.60
C PHE C 83 -13.16 -8.14 9.94
N ALA C 84 -11.94 -7.65 10.15
CA ALA C 84 -11.21 -7.88 11.38
C ALA C 84 -10.18 -6.76 11.52
N THR C 85 -9.35 -6.87 12.56
CA THR C 85 -8.30 -5.90 12.81
C THR C 85 -7.00 -6.39 12.17
N TYR C 86 -6.41 -5.56 11.33
CA TYR C 86 -5.18 -5.90 10.62
C TYR C 86 -4.01 -5.13 11.23
N TYR C 87 -2.94 -5.85 11.53
CA TYR C 87 -1.78 -5.29 12.21
C TYR C 87 -0.57 -5.31 11.30
N CYS C 88 0.30 -4.33 11.49
CA CYS C 88 1.54 -4.19 10.73
C CYS C 88 2.70 -4.39 11.69
N GLN C 89 3.58 -5.34 11.37
CA GLN C 89 4.68 -5.71 12.23
C GLN C 89 6.00 -5.59 11.49
N GLN C 90 7.01 -5.07 12.17
CA GLN C 90 8.39 -5.04 11.69
C GLN C 90 9.20 -6.05 12.49
N TYR C 91 9.92 -6.92 11.79
CA TYR C 91 10.69 -7.98 12.43
C TYR C 91 12.12 -8.01 11.91
N LEU C 92 12.79 -6.86 11.94
CA LEU C 92 14.19 -6.79 11.53
C LEU C 92 15.06 -7.69 12.39
N TYR C 93 14.81 -7.72 13.70
CA TYR C 93 15.57 -8.57 14.59
C TYR C 93 14.65 -9.03 15.71
N TYR C 94 15.09 -10.08 16.42
CA TYR C 94 14.24 -10.73 17.41
C TYR C 94 13.86 -9.77 18.53
N SER C 95 14.80 -8.96 18.99
CA SER C 95 14.59 -8.09 20.13
C SER C 95 14.04 -6.72 19.74
N LEU C 96 13.86 -6.45 18.46
CA LEU C 96 13.39 -5.15 17.98
C LEU C 96 12.04 -5.22 17.29
N VAL C 97 11.31 -6.33 17.47
CA VAL C 97 10.04 -6.49 16.79
C VAL C 97 9.00 -5.54 17.38
N THR C 98 8.31 -4.81 16.51
CA THR C 98 7.29 -3.85 16.92
C THR C 98 6.07 -4.01 16.03
N PHE C 99 4.92 -3.67 16.59
CA PHE C 99 3.64 -3.77 15.90
C PHE C 99 3.05 -2.38 15.67
N GLY C 100 2.21 -2.29 14.65
CA GLY C 100 1.45 -1.08 14.41
C GLY C 100 0.26 -0.98 15.34
N GLN C 101 -0.44 0.14 15.23
CA GLN C 101 -1.57 0.41 16.12
C GLN C 101 -2.84 -0.34 15.70
N GLY C 102 -2.86 -0.92 14.51
CA GLY C 102 -4.02 -1.68 14.07
C GLY C 102 -4.88 -0.89 13.10
N THR C 103 -5.75 -1.62 12.40
CA THR C 103 -6.66 -1.02 11.43
C THR C 103 -7.92 -1.88 11.40
N LYS C 104 -8.96 -1.45 12.11
CA LYS C 104 -10.20 -2.19 12.17
C LYS C 104 -11.03 -1.91 10.93
N VAL C 105 -11.27 -2.93 10.13
CA VAL C 105 -12.10 -2.82 8.93
C VAL C 105 -13.52 -3.22 9.30
N GLU C 106 -14.44 -2.28 9.14
CA GLU C 106 -15.85 -2.48 9.48
C GLU C 106 -16.69 -2.50 8.21
N ILE C 107 -17.99 -2.65 8.39
CA ILE C 107 -18.94 -2.74 7.28
C ILE C 107 -19.51 -1.36 7.01
N LYS C 108 -19.38 -0.89 5.77
CA LYS C 108 -19.96 0.39 5.40
C LYS C 108 -21.48 0.27 5.29
N ARG C 109 -22.17 1.30 5.75
CA ARG C 109 -23.62 1.33 5.68
C ARG C 109 -24.10 2.77 5.79
N THR C 110 -25.38 2.97 5.48
CA THR C 110 -25.95 4.30 5.52
C THR C 110 -25.93 4.86 6.94
N VAL C 111 -25.73 6.17 7.02
CA VAL C 111 -25.64 6.84 8.32
C VAL C 111 -26.99 6.79 9.02
N ALA C 112 -26.98 6.42 10.29
CA ALA C 112 -28.18 6.32 11.10
C ALA C 112 -28.05 7.25 12.31
N ALA C 113 -29.10 8.02 12.57
CA ALA C 113 -29.10 8.89 13.72
C ALA C 113 -29.22 8.07 15.00
N PRO C 114 -28.44 8.39 16.03
CA PRO C 114 -28.53 7.64 17.29
C PRO C 114 -29.79 8.04 18.06
N SER C 115 -30.62 7.05 18.38
CA SER C 115 -31.75 7.27 19.26
C SER C 115 -31.26 7.34 20.69
N VAL C 116 -31.51 8.46 21.35
CA VAL C 116 -30.91 8.76 22.65
C VAL C 116 -31.94 8.48 23.74
N PHE C 117 -31.52 7.76 24.77
CA PHE C 117 -32.37 7.48 25.92
C PHE C 117 -31.55 7.68 27.19
N ILE C 118 -32.13 8.37 28.17
CA ILE C 118 -31.48 8.66 29.44
C ILE C 118 -32.27 7.98 30.55
N PHE C 119 -31.57 7.26 31.41
CA PHE C 119 -32.20 6.46 32.45
C PHE C 119 -31.91 7.04 33.82
N PRO C 120 -32.92 7.42 34.59
CA PRO C 120 -32.69 7.91 35.95
C PRO C 120 -32.22 6.79 36.86
N PRO C 121 -31.51 7.10 37.93
CA PRO C 121 -31.07 6.05 38.86
C PRO C 121 -32.25 5.45 39.60
N SER C 122 -32.09 4.18 39.97
CA SER C 122 -33.13 3.48 40.71
C SER C 122 -33.00 3.76 42.20
N ASP C 123 -34.08 3.50 42.93
CA ASP C 123 -34.08 3.67 44.37
C ASP C 123 -33.11 2.70 45.05
N SER C 124 -32.81 1.56 44.43
CA SER C 124 -31.83 0.65 44.99
C SER C 124 -30.46 1.29 45.07
N GLN C 125 -30.05 2.02 44.02
CA GLN C 125 -28.80 2.75 44.07
C GLN C 125 -28.87 3.88 45.09
N LEU C 126 -30.03 4.53 45.21
CA LEU C 126 -30.18 5.60 46.19
C LEU C 126 -29.96 5.09 47.61
N LYS C 127 -30.54 3.93 47.94
CA LYS C 127 -30.32 3.34 49.25
C LYS C 127 -28.94 2.71 49.39
N SER C 128 -28.30 2.36 48.28
CA SER C 128 -26.94 1.84 48.33
C SER C 128 -25.91 2.94 48.58
N GLY C 129 -26.23 4.18 48.20
CA GLY C 129 -25.33 5.30 48.40
C GLY C 129 -24.55 5.73 47.18
N THR C 130 -24.78 5.11 46.03
CA THR C 130 -24.12 5.46 44.78
C THR C 130 -25.15 5.83 43.73
N ALA C 131 -24.74 6.65 42.77
CA ALA C 131 -25.60 7.07 41.68
C ALA C 131 -24.94 6.75 40.35
N SER C 132 -25.73 6.29 39.39
CA SER C 132 -25.23 5.98 38.06
C SER C 132 -26.36 6.21 37.06
N VAL C 133 -26.21 7.23 36.23
CA VAL C 133 -27.14 7.52 35.15
C VAL C 133 -26.47 7.15 33.84
N VAL C 134 -27.21 6.46 32.98
CA VAL C 134 -26.69 5.95 31.71
C VAL C 134 -27.48 6.56 30.56
N CYS C 135 -26.75 7.13 29.60
CA CYS C 135 -27.32 7.67 28.38
C CYS C 135 -27.02 6.69 27.25
N LEU C 136 -28.06 6.21 26.60
CA LEU C 136 -27.94 5.13 25.62
C LEU C 136 -28.09 5.68 24.20
N LEU C 137 -27.11 5.43 23.37
CA LEU C 137 -27.19 5.66 21.93
C LEU C 137 -27.47 4.32 21.26
N ASN C 138 -28.52 4.27 20.43
CA ASN C 138 -29.01 3.02 19.88
C ASN C 138 -28.97 3.07 18.36
N ASN C 139 -28.41 2.03 17.76
CA ASN C 139 -28.48 1.79 16.32
C ASN C 139 -28.00 3.00 15.52
N PHE C 140 -26.73 3.33 15.69
CA PHE C 140 -26.12 4.45 14.98
C PHE C 140 -24.88 3.99 14.26
N TYR C 141 -24.55 4.70 13.18
CA TYR C 141 -23.38 4.46 12.37
C TYR C 141 -23.01 5.79 11.74
N PRO C 142 -21.73 6.17 11.74
CA PRO C 142 -20.56 5.44 12.25
C PRO C 142 -20.35 5.57 13.75
N ARG C 143 -19.31 4.91 14.28
CA ARG C 143 -19.05 4.87 15.71
C ARG C 143 -18.60 6.20 16.28
N GLU C 144 -18.24 7.17 15.43
CA GLU C 144 -17.69 8.44 15.89
C GLU C 144 -18.81 9.26 16.50
N ALA C 145 -19.13 8.96 17.76
CA ALA C 145 -20.13 9.69 18.52
C ALA C 145 -19.54 10.10 19.86
N LYS C 146 -19.94 11.27 20.34
CA LYS C 146 -19.44 11.80 21.60
C LYS C 146 -20.62 12.14 22.50
N VAL C 147 -20.55 11.70 23.75
CA VAL C 147 -21.59 11.94 24.73
C VAL C 147 -21.01 12.82 25.83
N GLN C 148 -21.69 13.94 26.10
CA GLN C 148 -21.29 14.87 27.14
C GLN C 148 -22.43 15.00 28.15
N TRP C 149 -22.12 14.76 29.42
CA TRP C 149 -23.11 14.85 30.48
C TRP C 149 -23.21 16.30 30.95
N LYS C 150 -24.40 16.86 30.89
CA LYS C 150 -24.63 18.26 31.26
C LYS C 150 -25.54 18.31 32.47
N VAL C 151 -25.08 18.96 33.53
CA VAL C 151 -25.87 19.23 34.73
C VAL C 151 -25.90 20.73 34.94
N ASP C 152 -27.11 21.30 35.00
CA ASP C 152 -27.30 22.75 35.06
C ASP C 152 -26.60 23.45 33.91
N ASN C 153 -26.69 22.84 32.73
CA ASN C 153 -26.04 23.34 31.51
C ASN C 153 -24.54 23.51 31.70
N ALA C 154 -23.93 22.62 32.48
CA ALA C 154 -22.49 22.62 32.71
C ALA C 154 -21.91 21.28 32.29
N LEU C 155 -20.79 21.32 31.57
CA LEU C 155 -20.17 20.11 31.04
C LEU C 155 -19.28 19.49 32.12
N GLN C 156 -19.36 18.16 32.25
CA GLN C 156 -18.55 17.42 33.19
C GLN C 156 -17.39 16.72 32.49
N SER C 157 -16.36 16.44 33.28
CA SER C 157 -15.19 15.70 32.81
C SER C 157 -14.88 14.59 33.79
N GLY C 158 -14.32 13.51 33.27
CA GLY C 158 -14.06 12.36 34.12
C GLY C 158 -15.38 11.70 34.54
N ASN C 159 -15.25 10.84 35.55
CA ASN C 159 -16.37 10.20 36.26
C ASN C 159 -17.45 9.66 35.31
N SER C 160 -17.06 9.34 34.09
CA SER C 160 -17.99 8.81 33.09
C SER C 160 -17.23 7.87 32.17
N GLN C 161 -17.74 6.64 32.03
CA GLN C 161 -17.12 5.63 31.19
C GLN C 161 -18.07 5.26 30.06
N GLU C 162 -17.56 5.24 28.84
CA GLU C 162 -18.36 4.94 27.66
C GLU C 162 -18.05 3.53 27.17
N SER C 163 -19.10 2.76 26.92
CA SER C 163 -18.97 1.40 26.40
C SER C 163 -19.65 1.34 25.04
N VAL C 164 -18.97 0.76 24.06
CA VAL C 164 -19.45 0.69 22.69
C VAL C 164 -19.47 -0.77 22.24
N THR C 165 -20.58 -1.21 21.67
CA THR C 165 -20.67 -2.56 21.14
C THR C 165 -20.06 -2.62 19.74
N GLU C 166 -19.72 -3.83 19.32
CA GLU C 166 -19.22 -4.04 17.98
C GLU C 166 -20.36 -3.94 16.98
N GLN C 167 -20.04 -4.13 15.70
CA GLN C 167 -21.07 -4.06 14.66
C GLN C 167 -22.09 -5.15 14.86
N ASP C 168 -23.36 -4.79 14.79
CA ASP C 168 -24.43 -5.76 14.89
C ASP C 168 -24.41 -6.70 13.69
N SER C 169 -24.67 -7.98 13.95
CA SER C 169 -24.67 -8.95 12.87
C SER C 169 -25.80 -8.68 11.87
N LYS C 170 -26.88 -8.06 12.31
CA LYS C 170 -28.04 -7.84 11.46
C LYS C 170 -28.00 -6.47 10.78
N ASP C 171 -27.96 -5.40 11.56
CA ASP C 171 -28.04 -4.05 11.01
C ASP C 171 -26.68 -3.41 10.77
N SER C 172 -25.60 -4.03 11.23
CA SER C 172 -24.26 -3.47 11.14
C SER C 172 -24.21 -2.07 11.74
N THR C 173 -24.86 -1.91 12.89
CA THR C 173 -24.93 -0.65 13.61
C THR C 173 -24.14 -0.74 14.91
N TYR C 174 -24.24 0.31 15.72
CA TYR C 174 -23.47 0.44 16.95
C TYR C 174 -24.39 0.89 18.07
N SER C 175 -23.92 0.72 19.30
CA SER C 175 -24.65 1.16 20.48
C SER C 175 -23.67 1.68 21.52
N LEU C 176 -24.07 2.76 22.20
CA LEU C 176 -23.24 3.42 23.18
C LEU C 176 -23.92 3.42 24.54
N SER C 177 -23.11 3.43 25.59
CA SER C 177 -23.64 3.46 26.95
C SER C 177 -22.58 4.14 27.83
N SER C 178 -22.86 5.39 28.21
CA SER C 178 -21.98 6.14 29.09
C SER C 178 -22.67 6.30 30.43
N THR C 179 -22.03 5.83 31.49
CA THR C 179 -22.57 5.90 32.84
C THR C 179 -21.81 6.95 33.65
N LEU C 180 -22.54 7.77 34.38
CA LEU C 180 -21.98 8.84 35.18
C LEU C 180 -22.00 8.41 36.64
N THR C 181 -20.82 8.09 37.18
CA THR C 181 -20.72 7.64 38.56
C THR C 181 -20.72 8.86 39.47
N LEU C 182 -21.73 8.94 40.34
CA LEU C 182 -21.90 10.06 41.24
C LEU C 182 -22.22 9.55 42.65
N SER C 183 -21.75 10.29 43.64
CA SER C 183 -22.09 9.97 45.02
C SER C 183 -23.54 10.35 45.30
N LYS C 184 -24.14 9.65 46.27
CA LYS C 184 -25.54 9.89 46.59
C LYS C 184 -25.76 11.33 47.07
N ALA C 185 -24.87 11.82 47.92
CA ALA C 185 -24.99 13.20 48.40
C ALA C 185 -24.86 14.19 47.26
N ASP C 186 -23.88 13.99 46.38
CA ASP C 186 -23.72 14.88 45.23
C ASP C 186 -24.89 14.75 44.27
N TYR C 187 -25.40 13.54 44.08
CA TYR C 187 -26.54 13.34 43.20
C TYR C 187 -27.77 14.08 43.71
N GLU C 188 -28.03 13.99 45.02
CA GLU C 188 -29.17 14.69 45.61
C GLU C 188 -28.92 16.19 45.74
N LYS C 189 -27.66 16.63 45.70
CA LYS C 189 -27.35 18.05 45.78
C LYS C 189 -27.78 18.82 44.54
N HIS C 190 -28.16 18.14 43.47
CA HIS C 190 -28.57 18.78 42.24
C HIS C 190 -29.98 18.32 41.87
N LYS C 191 -30.55 18.98 40.86
CA LYS C 191 -31.96 18.78 40.51
C LYS C 191 -32.13 18.14 39.13
N VAL C 192 -31.58 18.74 38.08
CA VAL C 192 -31.82 18.31 36.71
C VAL C 192 -30.50 17.87 36.08
N TYR C 193 -30.56 16.78 35.33
CA TYR C 193 -29.40 16.21 34.66
C TYR C 193 -29.75 15.91 33.21
N ALA C 194 -28.74 15.97 32.34
CA ALA C 194 -28.97 15.75 30.92
C ALA C 194 -27.71 15.16 30.30
N CYS C 195 -27.90 14.52 29.15
CA CYS C 195 -26.79 14.01 28.35
C CYS C 195 -26.94 14.53 26.94
N GLU C 196 -25.87 15.13 26.41
CA GLU C 196 -25.86 15.69 25.06
C GLU C 196 -25.10 14.76 24.14
N VAL C 197 -25.71 14.42 23.01
CA VAL C 197 -25.15 13.46 22.07
C VAL C 197 -24.95 14.14 20.74
N THR C 198 -23.74 14.01 20.20
CA THR C 198 -23.42 14.52 18.87
C THR C 198 -22.95 13.38 17.99
N HIS C 199 -23.29 13.46 16.71
CA HIS C 199 -22.96 12.43 15.75
C HIS C 199 -22.97 13.03 14.36
N GLN C 200 -22.29 12.36 13.44
CA GLN C 200 -22.30 12.82 12.05
C GLN C 200 -23.55 12.30 11.34
N GLY C 201 -24.70 12.42 12.00
CA GLY C 201 -25.97 12.08 11.41
C GLY C 201 -27.03 13.01 11.95
N LEU C 202 -26.59 14.02 12.69
CA LEU C 202 -27.47 14.91 13.43
C LEU C 202 -27.18 16.35 13.02
N SER C 203 -28.23 17.09 12.65
CA SER C 203 -28.08 18.50 12.35
C SER C 203 -27.68 19.27 13.59
N SER C 204 -28.31 18.98 14.72
CA SER C 204 -28.02 19.61 15.99
C SER C 204 -27.87 18.55 17.06
N PRO C 205 -27.07 18.80 18.09
CA PRO C 205 -26.96 17.82 19.19
C PRO C 205 -28.31 17.60 19.85
N VAL C 206 -28.57 16.34 20.21
CA VAL C 206 -29.80 15.95 20.88
C VAL C 206 -29.51 15.81 22.36
N THR C 207 -30.28 16.52 23.20
CA THR C 207 -30.12 16.47 24.63
C THR C 207 -31.42 15.99 25.25
N LYS C 208 -31.35 14.87 25.97
CA LYS C 208 -32.49 14.34 26.70
C LYS C 208 -32.21 14.45 28.20
N SER C 209 -33.12 15.09 28.92
CA SER C 209 -32.93 15.39 30.32
C SER C 209 -34.04 14.75 31.14
N PHE C 210 -33.87 14.83 32.46
CA PHE C 210 -34.88 14.36 33.40
C PHE C 210 -34.73 15.14 34.69
N ASN C 211 -35.82 15.19 35.46
CA ASN C 211 -35.85 15.91 36.73
C ASN C 211 -36.00 14.90 37.87
N ARG C 212 -35.13 15.02 38.86
CA ARG C 212 -35.15 14.11 40.00
C ARG C 212 -36.41 14.29 40.84
N GLN D 3 -16.51 33.17 11.85
CA GLN D 3 -15.19 33.64 11.46
C GLN D 3 -14.74 33.00 10.15
N VAL D 4 -14.77 31.66 10.12
CA VAL D 4 -14.37 30.94 8.92
C VAL D 4 -15.43 31.12 7.85
N GLN D 5 -15.01 31.52 6.66
CA GLN D 5 -15.94 31.72 5.55
C GLN D 5 -16.49 30.38 5.09
N LEU D 6 -17.78 30.38 4.72
CA LEU D 6 -18.41 29.18 4.17
C LEU D 6 -19.44 29.63 3.15
N GLN D 7 -19.31 29.14 1.93
CA GLN D 7 -20.19 29.53 0.83
C GLN D 7 -20.69 28.28 0.11
N GLU D 8 -21.92 28.37 -0.40
CA GLU D 8 -22.52 27.29 -1.17
C GLU D 8 -22.96 27.84 -2.52
N SER D 9 -22.77 27.04 -3.56
CA SER D 9 -23.14 27.44 -4.91
C SER D 9 -23.83 26.27 -5.61
N GLY D 10 -24.62 26.60 -6.61
CA GLY D 10 -25.33 25.61 -7.40
C GLY D 10 -26.78 25.47 -6.97
N GLY D 11 -27.49 24.62 -7.69
CA GLY D 11 -28.89 24.34 -7.43
C GLY D 11 -29.80 25.03 -8.42
N GLY D 12 -31.06 24.65 -8.35
CA GLY D 12 -32.09 25.16 -9.24
C GLY D 12 -33.23 24.16 -9.34
N LEU D 13 -33.92 24.18 -10.47
CA LEU D 13 -35.02 23.26 -10.74
C LEU D 13 -34.65 22.40 -11.93
N VAL D 14 -34.64 21.09 -11.74
CA VAL D 14 -34.26 20.15 -12.80
C VAL D 14 -35.33 19.06 -12.88
N GLN D 15 -35.33 18.35 -14.00
CA GLN D 15 -36.34 17.34 -14.28
C GLN D 15 -36.13 16.10 -13.42
N PRO D 16 -37.18 15.28 -13.25
CA PRO D 16 -37.04 14.05 -12.45
C PRO D 16 -36.12 13.02 -13.09
N GLY D 17 -34.81 13.24 -12.94
CA GLY D 17 -33.81 12.41 -13.57
C GLY D 17 -32.64 13.28 -14.00
N GLY D 18 -32.79 14.57 -13.77
CA GLY D 18 -31.81 15.58 -14.16
C GLY D 18 -30.67 15.73 -13.19
N SER D 19 -29.69 14.83 -13.27
CA SER D 19 -28.47 14.88 -12.48
C SER D 19 -27.95 16.30 -12.35
N LEU D 20 -27.77 16.76 -11.11
CA LEU D 20 -27.43 18.13 -10.80
C LEU D 20 -26.18 18.15 -9.91
N ARG D 21 -25.40 19.21 -10.06
CA ARG D 21 -24.14 19.37 -9.35
C ARG D 21 -24.23 20.52 -8.34
N LEU D 22 -23.74 20.28 -7.13
CA LEU D 22 -23.72 21.27 -6.07
C LEU D 22 -22.28 21.48 -5.60
N SER D 23 -22.04 22.61 -4.95
CA SER D 23 -20.69 22.95 -4.52
C SER D 23 -20.76 23.70 -3.20
N CYS D 24 -19.67 23.58 -2.43
CA CYS D 24 -19.51 24.31 -1.18
C CYS D 24 -18.12 24.95 -1.17
N ALA D 25 -18.06 26.21 -0.78
CA ALA D 25 -16.80 26.94 -0.70
C ALA D 25 -16.55 27.34 0.75
N ALA D 26 -15.31 27.12 1.21
CA ALA D 26 -14.92 27.44 2.58
C ALA D 26 -13.53 28.06 2.54
N SER D 27 -13.47 29.39 2.67
CA SER D 27 -12.18 30.07 2.67
C SER D 27 -11.48 29.91 4.02
N GLY D 28 -12.24 29.88 5.11
CA GLY D 28 -11.64 29.82 6.43
C GLY D 28 -11.00 28.46 6.69
N ARG D 29 -9.75 28.48 7.15
CA ARG D 29 -9.01 27.30 7.55
C ARG D 29 -8.85 26.27 6.43
N THR D 30 -8.21 25.15 6.75
CA THR D 30 -7.89 24.13 5.75
C THR D 30 -9.07 23.20 5.54
N ILE D 31 -9.32 22.87 4.28
CA ILE D 31 -10.41 21.95 3.94
C ILE D 31 -10.07 20.54 4.36
N SER D 32 -8.84 20.10 4.06
CA SER D 32 -8.47 18.71 4.30
C SER D 32 -8.27 18.41 5.78
N ARG D 33 -8.12 19.43 6.62
CA ARG D 33 -7.92 19.20 8.04
C ARG D 33 -9.16 18.60 8.70
N TYR D 34 -10.35 19.00 8.25
CA TYR D 34 -11.60 18.58 8.85
C TYR D 34 -12.45 17.80 7.85
N ALA D 35 -13.68 17.51 8.25
CA ALA D 35 -14.66 16.84 7.41
C ALA D 35 -15.91 17.68 7.32
N MET D 36 -16.45 17.81 6.11
CA MET D 36 -17.68 18.55 5.89
C MET D 36 -18.86 17.60 5.70
N SER D 37 -20.06 18.12 5.90
CA SER D 37 -21.28 17.36 5.82
C SER D 37 -22.28 18.06 4.93
N TRP D 38 -23.18 17.27 4.34
CA TRP D 38 -24.18 17.74 3.40
C TRP D 38 -25.55 17.42 4.00
N PHE D 39 -26.42 18.42 4.05
CA PHE D 39 -27.72 18.28 4.70
C PHE D 39 -28.83 18.77 3.77
N ARG D 40 -30.06 18.57 4.21
CA ARG D 40 -31.23 19.01 3.47
C ARG D 40 -32.44 19.02 4.41
N GLN D 41 -33.39 19.92 4.11
CA GLN D 41 -34.63 19.99 4.88
C GLN D 41 -35.70 20.62 4.02
N ALA D 42 -36.95 20.44 4.45
CA ALA D 42 -38.13 20.98 3.76
C ALA D 42 -38.20 20.49 2.31
N LYS D 45 -41.03 18.48 8.85
CA LYS D 45 -39.99 18.60 7.83
C LYS D 45 -38.72 19.21 8.41
N GLU D 46 -38.16 18.56 9.43
CA GLU D 46 -36.95 19.04 10.07
C GLU D 46 -35.74 18.67 9.23
N ARG D 47 -34.57 19.12 9.69
CA ARG D 47 -33.34 18.85 8.96
C ARG D 47 -33.04 17.36 8.93
N GLU D 48 -32.56 16.89 7.78
CA GLU D 48 -32.26 15.48 7.58
C GLU D 48 -30.87 15.34 6.97
N PHE D 49 -30.17 14.29 7.36
CA PHE D 49 -28.81 14.07 6.89
C PHE D 49 -28.81 13.62 5.43
N VAL D 50 -27.75 14.00 4.71
CA VAL D 50 -27.59 13.58 3.33
C VAL D 50 -26.28 12.82 3.16
N ALA D 51 -25.15 13.50 3.40
CA ALA D 51 -23.86 12.86 3.22
C ALA D 51 -22.80 13.63 4.00
N VAL D 52 -21.76 12.91 4.40
CA VAL D 52 -20.61 13.50 5.09
C VAL D 52 -19.35 13.08 4.35
N ALA D 53 -18.49 14.05 4.05
CA ALA D 53 -17.23 13.80 3.37
C ALA D 53 -16.08 14.06 4.33
N ARG D 54 -15.21 13.06 4.49
CA ARG D 54 -14.08 13.15 5.40
C ARG D 54 -12.79 13.29 4.61
N ARG D 55 -11.68 13.34 5.34
CA ARG D 55 -10.38 13.49 4.71
C ARG D 55 -10.06 12.27 3.86
N SER D 56 -9.27 12.50 2.80
CA SER D 56 -8.97 11.46 1.84
C SER D 56 -8.27 10.28 2.51
N GLY D 57 -8.75 9.07 2.21
CA GLY D 57 -8.17 7.87 2.76
C GLY D 57 -9.17 7.00 3.49
N ASP D 58 -10.10 7.62 4.20
CA ASP D 58 -11.10 6.90 4.98
C ASP D 58 -12.50 6.99 4.38
N GLY D 59 -12.63 7.60 3.20
CA GLY D 59 -13.89 7.58 2.49
C GLY D 59 -14.92 8.57 3.02
N ALA D 60 -16.11 8.47 2.44
CA ALA D 60 -17.23 9.33 2.79
C ALA D 60 -18.49 8.49 2.90
N PHE D 61 -19.47 9.01 3.64
CA PHE D 61 -20.70 8.28 3.94
C PHE D 61 -21.90 8.96 3.30
N TYR D 62 -23.01 8.21 3.24
CA TYR D 62 -24.24 8.69 2.65
C TYR D 62 -25.43 8.22 3.48
N ALA D 63 -26.55 8.92 3.34
CA ALA D 63 -27.77 8.55 4.03
C ALA D 63 -28.50 7.45 3.25
N ASP D 64 -29.56 6.92 3.87
CA ASP D 64 -30.28 5.81 3.26
C ASP D 64 -31.10 6.25 2.05
N SER D 65 -31.77 7.40 2.15
CA SER D 65 -32.60 7.87 1.04
C SER D 65 -31.76 8.25 -0.18
N VAL D 66 -30.60 8.87 0.05
CA VAL D 66 -29.77 9.37 -1.02
C VAL D 66 -28.72 8.34 -1.41
N GLN D 67 -28.89 7.10 -0.93
CA GLN D 67 -27.90 6.06 -1.17
C GLN D 67 -27.74 5.81 -2.66
N GLY D 68 -26.49 5.79 -3.12
CA GLY D 68 -26.22 5.55 -4.54
C GLY D 68 -26.51 6.71 -5.46
N ARG D 69 -27.68 7.32 -5.32
CA ARG D 69 -28.07 8.44 -6.15
C ARG D 69 -27.29 9.71 -5.85
N PHE D 70 -26.49 9.72 -4.79
CA PHE D 70 -25.69 10.87 -4.41
C PHE D 70 -24.23 10.48 -4.32
N THR D 71 -23.35 11.42 -4.61
CA THR D 71 -21.92 11.19 -4.51
C THR D 71 -21.24 12.50 -4.12
N VAL D 72 -20.32 12.43 -3.16
CA VAL D 72 -19.55 13.58 -2.70
C VAL D 72 -18.09 13.35 -3.06
N SER D 73 -17.34 14.45 -3.16
CA SER D 73 -15.93 14.39 -3.51
C SER D 73 -15.14 15.39 -2.70
N ARG D 74 -13.93 15.00 -2.32
CA ARG D 74 -13.01 15.92 -1.66
C ARG D 74 -12.38 16.89 -2.65
N ASP D 75 -12.16 16.45 -3.89
CA ASP D 75 -11.63 17.28 -4.98
C ASP D 75 -10.20 17.69 -4.60
N ASP D 76 -9.83 18.97 -4.79
CA ASP D 76 -8.48 19.44 -4.54
C ASP D 76 -8.30 19.98 -3.13
N ALA D 77 -9.07 19.48 -2.16
CA ALA D 77 -9.03 19.96 -0.78
C ALA D 77 -9.27 21.47 -0.73
N LYS D 78 -10.23 21.93 -1.53
CA LYS D 78 -10.62 23.34 -1.53
C LYS D 78 -12.13 23.46 -1.45
N THR D 80 -15.26 23.28 -2.25
CA THR D 80 -14.82 22.43 -1.10
C THR D 80 -15.40 21.02 -1.24
N VAL D 81 -16.68 20.84 -0.99
CA VAL D 81 -17.26 19.50 -1.21
C VAL D 81 -18.26 19.60 -2.35
N TYR D 82 -18.23 18.64 -3.25
CA TYR D 82 -19.23 18.64 -4.31
C TYR D 82 -20.31 17.61 -4.03
N LEU D 83 -21.33 17.62 -4.91
CA LEU D 83 -22.41 16.66 -4.92
C LEU D 83 -22.84 16.39 -6.36
N GLN D 84 -22.98 15.12 -6.71
CA GLN D 84 -23.40 14.72 -8.05
C GLN D 84 -24.66 13.88 -7.94
N MET D 85 -25.74 14.35 -8.58
CA MET D 85 -27.00 13.62 -8.59
C MET D 85 -27.01 12.59 -9.71
N ASN D 86 -27.98 11.68 -9.61
CA ASN D 86 -28.43 10.81 -10.70
C ASN D 86 -29.68 10.09 -10.23
N SER D 87 -30.63 9.91 -11.14
CA SER D 87 -31.92 9.27 -10.82
C SER D 87 -32.63 10.01 -9.69
N LEU D 88 -32.76 11.32 -9.86
CA LEU D 88 -33.40 12.17 -8.85
C LEU D 88 -34.87 11.79 -8.71
N LYS D 89 -35.24 11.29 -7.54
CA LYS D 89 -36.62 10.97 -7.26
C LYS D 89 -37.43 12.26 -7.09
N PRO D 90 -38.76 12.17 -7.27
CA PRO D 90 -39.59 13.36 -7.03
C PRO D 90 -39.52 13.89 -5.61
N GLU D 91 -39.34 13.01 -4.62
CA GLU D 91 -39.30 13.41 -3.21
C GLU D 91 -37.87 13.82 -2.85
N ASP D 92 -37.47 14.97 -3.41
CA ASP D 92 -36.14 15.50 -3.15
C ASP D 92 -36.15 17.02 -2.93
N THR D 93 -37.31 17.67 -3.04
CA THR D 93 -37.39 19.11 -2.92
C THR D 93 -36.92 19.57 -1.55
N ALA D 94 -35.77 20.24 -1.49
CA ALA D 94 -35.18 20.65 -0.23
C ALA D 94 -34.33 21.90 -0.45
N VAL D 95 -33.75 22.40 0.64
CA VAL D 95 -33.07 23.68 0.66
C VAL D 95 -31.61 23.47 1.06
N TYR D 96 -31.02 22.37 0.56
CA TYR D 96 -29.78 21.76 1.06
C TYR D 96 -28.78 22.74 1.67
N TYR D 97 -28.35 22.47 2.89
CA TYR D 97 -27.37 23.28 3.60
C TYR D 97 -26.01 22.61 3.58
N CYS D 98 -25.00 23.34 4.05
CA CYS D 98 -23.62 22.86 4.08
C CYS D 98 -23.06 23.09 5.48
N ALA D 99 -22.22 22.17 5.95
CA ALA D 99 -21.71 22.24 7.32
C ALA D 99 -20.31 21.66 7.39
N ILE D 100 -19.60 22.02 8.45
CA ILE D 100 -18.22 21.60 8.69
C ILE D 100 -18.14 20.99 10.08
N ASP D 101 -17.53 19.81 10.17
CA ASP D 101 -17.35 19.13 11.45
C ASP D 101 -16.05 19.61 12.09
N SER D 102 -16.18 20.31 13.22
CA SER D 102 -14.99 20.90 13.85
C SER D 102 -14.07 19.83 14.42
N ASP D 103 -14.64 18.78 15.02
CA ASP D 103 -13.82 17.76 15.66
C ASP D 103 -13.01 17.00 14.63
N THR D 104 -11.75 16.73 14.95
CA THR D 104 -10.88 15.95 14.09
C THR D 104 -11.18 14.46 14.13
N PHE D 105 -11.97 14.01 15.10
CA PHE D 105 -12.32 12.61 15.25
C PHE D 105 -13.70 12.29 14.69
N TYR D 106 -14.21 13.15 13.80
CA TYR D 106 -15.50 12.94 13.13
C TYR D 106 -16.65 12.86 14.13
N SER D 107 -16.54 13.56 15.25
CA SER D 107 -17.61 13.57 16.24
C SER D 107 -18.84 14.32 15.77
N GLY D 108 -18.75 15.05 14.66
CA GLY D 108 -19.89 15.77 14.13
C GLY D 108 -20.40 16.87 15.04
N SER D 109 -19.48 17.68 15.57
CA SER D 109 -19.90 18.79 16.42
C SER D 109 -20.73 19.80 15.64
N TYR D 110 -20.34 20.07 14.40
CA TYR D 110 -21.11 20.93 13.49
C TYR D 110 -21.31 22.32 14.06
N ASP D 111 -20.21 22.96 14.44
CA ASP D 111 -20.28 24.31 14.97
C ASP D 111 -20.54 25.35 13.87
N TYR D 112 -20.03 25.12 12.67
CA TYR D 112 -20.15 26.05 11.56
C TYR D 112 -21.14 25.50 10.54
N TRP D 113 -22.11 26.33 10.17
CA TRP D 113 -23.14 25.96 9.20
C TRP D 113 -23.04 26.86 7.97
N GLY D 114 -23.95 26.65 7.03
CA GLY D 114 -23.98 27.44 5.81
C GLY D 114 -25.33 28.07 5.57
N GLN D 115 -25.62 28.44 4.33
CA GLN D 115 -26.89 29.02 3.96
C GLN D 115 -27.67 28.17 2.97
N GLY D 116 -27.01 27.65 1.95
CA GLY D 116 -27.63 26.72 1.04
C GLY D 116 -28.57 27.37 0.05
N THR D 117 -29.04 26.55 -0.90
CA THR D 117 -29.98 27.01 -1.92
C THR D 117 -31.07 25.99 -2.11
N GLN D 118 -32.22 26.46 -2.59
CA GLN D 118 -33.35 25.59 -2.86
C GLN D 118 -33.05 24.67 -4.04
N VAL D 119 -33.49 23.42 -3.93
CA VAL D 119 -33.40 22.45 -5.02
C VAL D 119 -34.80 21.87 -5.24
N THR D 120 -35.32 22.03 -6.44
CA THR D 120 -36.67 21.61 -6.77
C THR D 120 -36.63 20.60 -7.91
N VAL D 121 -37.55 19.65 -7.87
CA VAL D 121 -37.67 18.59 -8.87
C VAL D 121 -38.93 18.83 -9.67
N SER D 122 -38.80 18.85 -11.00
CA SER D 122 -39.93 19.11 -11.89
C SER D 122 -40.88 17.92 -11.92
#